data_5JCM
#
_entry.id   5JCM
#
_cell.length_a   78.391
_cell.length_b   85.137
_cell.length_c   131.806
_cell.angle_alpha   90.000
_cell.angle_beta   90.000
_cell.angle_gamma   90.000
#
_symmetry.space_group_name_H-M   'P 21 21 21'
#
loop_
_entity.id
_entity.type
_entity.pdbx_description
1 polymer 'Os09g0567300 protein'
2 non-polymer 'FLAVIN-ADENINE DINUCLEOTIDE'
3 non-polymer NICOTINAMIDE-ADENINE-DINUCLEOTIDE
4 non-polymer 'ISOASCORBIC ACID'
5 water water
#
_entity_poly.entity_id   1
_entity_poly.type   'polypeptide(L)'
_entity_poly.pdbx_seq_one_letter_code
;HHHHHHASENLYFQGAMASEKHFKYVILGGGVAAGYAAREFAKQGVKPGELAIISKEAVAPYERPALSKGYLFPQNAARL
PGFHVCVGSGGERLLPEWYSEKGIELILSTEIVKADLASKTLTSAVGATFTYEILIIATGSSVIKLSDFGTQGADSNNIL
YLREVDDADKLVAAIQAKKGGKAVIVGGGYIGLELSAALKINDFDVTMVFPEPWCMPRLFTADIAAFYESYYTNKGVKIV
KGTVAVGFDADANGDVTAVNLKNGSVLEADIVVVGVGGRPLTTLFKGQVAEEKGGIKTDAFFETSVPGVYAVGDVATFPM
KMYNELRRVEHVDHARKSAEQAVKAIKGKESGESVVEYDYLPYFFSRSFDLGWQFYGDNVGDTILFGDSDPTSAKPKFGS
YWIKDGKVLGAFLEGGSPDENKAIAKVAKTQPPVANIEELKKEGLQFASKI
;
_entity_poly.pdbx_strand_id   A,B
#
# COMPACT_ATOMS: atom_id res chain seq x y z
N GLU A 20 28.39 50.98 -5.34
CA GLU A 20 26.96 50.63 -5.62
C GLU A 20 26.77 50.31 -7.09
N LYS A 21 26.21 49.14 -7.42
CA LYS A 21 26.02 48.79 -8.81
C LYS A 21 24.61 49.06 -9.30
N HIS A 22 24.55 49.40 -10.58
CA HIS A 22 23.31 49.80 -11.18
C HIS A 22 23.03 48.95 -12.44
N PHE A 23 21.82 48.40 -12.52
CA PHE A 23 21.42 47.55 -13.69
C PHE A 23 19.98 47.90 -14.02
N LYS A 24 19.63 47.83 -15.28
CA LYS A 24 18.26 47.94 -15.61
C LYS A 24 17.42 46.72 -15.06
N TYR A 25 17.98 45.51 -15.32
CA TYR A 25 17.33 44.25 -14.89
C TYR A 25 18.19 43.49 -13.92
N VAL A 26 17.57 43.06 -12.82
CA VAL A 26 18.30 42.21 -11.89
C VAL A 26 17.43 40.97 -11.58
N ILE A 27 18.05 39.83 -11.74
CA ILE A 27 17.42 38.59 -11.30
C ILE A 27 18.05 38.20 -9.97
N LEU A 28 17.22 38.05 -8.97
CA LEU A 28 17.75 37.72 -7.64
C LEU A 28 17.58 36.17 -7.49
N GLY A 29 18.69 35.46 -7.35
CA GLY A 29 18.76 33.98 -7.37
C GLY A 29 19.50 33.51 -8.61
N GLY A 30 20.31 32.45 -8.52
CA GLY A 30 21.01 31.90 -9.63
C GLY A 30 20.66 30.44 -9.95
N GLY A 31 19.38 30.14 -9.92
CA GLY A 31 18.94 28.74 -10.07
C GLY A 31 18.35 28.50 -11.42
N VAL A 32 17.36 27.60 -11.46
CA VAL A 32 16.73 27.23 -12.72
C VAL A 32 16.04 28.42 -13.39
N ALA A 33 15.14 29.06 -12.72
CA ALA A 33 14.42 30.13 -13.28
C ALA A 33 15.37 31.29 -13.68
N ALA A 34 16.43 31.49 -12.94
CA ALA A 34 17.36 32.56 -13.33
C ALA A 34 18.03 32.26 -14.67
N GLY A 35 18.51 31.04 -14.86
CA GLY A 35 19.17 30.68 -16.10
C GLY A 35 18.23 30.76 -17.27
N TYR A 36 17.02 30.27 -17.08
CA TYR A 36 16.09 30.26 -18.17
C TYR A 36 15.65 31.69 -18.50
N ALA A 37 15.57 32.54 -17.47
CA ALA A 37 15.27 33.98 -17.71
C ALA A 37 16.41 34.60 -18.52
N ALA A 38 17.67 34.30 -18.18
CA ALA A 38 18.82 34.78 -18.91
C ALA A 38 18.81 34.39 -20.39
N ARG A 39 18.51 33.14 -20.63
CA ARG A 39 18.29 32.73 -22.02
C ARG A 39 17.21 33.52 -22.73
N GLU A 40 16.07 33.70 -22.12
CA GLU A 40 15.01 34.44 -22.80
C GLU A 40 15.39 35.95 -23.01
N PHE A 41 16.02 36.58 -22.01
CA PHE A 41 16.50 38.00 -22.20
C PHE A 41 17.37 38.10 -23.45
N ALA A 42 18.30 37.15 -23.62
CA ALA A 42 19.22 37.09 -24.76
C ALA A 42 18.46 36.92 -26.05
N LYS A 43 17.47 36.01 -26.08
CA LYS A 43 16.59 35.85 -27.23
C LYS A 43 15.87 37.17 -27.54
N GLN A 44 15.52 37.89 -26.49
CA GLN A 44 14.71 39.09 -26.60
C GLN A 44 15.52 40.39 -26.84
N GLY A 45 16.85 40.28 -26.96
CA GLY A 45 17.73 41.35 -27.37
C GLY A 45 18.36 42.19 -26.29
N VAL A 46 18.61 41.59 -25.16
CA VAL A 46 19.24 42.29 -24.06
C VAL A 46 20.69 42.73 -24.43
N LYS A 47 21.03 43.95 -24.01
CA LYS A 47 22.33 44.56 -24.41
C LYS A 47 23.33 44.48 -23.28
N PRO A 48 24.66 44.38 -23.59
CA PRO A 48 25.66 44.27 -22.51
C PRO A 48 25.49 45.40 -21.51
N GLY A 49 25.77 45.10 -20.22
CA GLY A 49 25.54 45.97 -19.07
C GLY A 49 24.11 46.12 -18.56
N GLU A 50 23.08 45.61 -19.26
CA GLU A 50 21.72 45.86 -18.78
C GLU A 50 21.26 44.85 -17.65
N LEU A 51 21.77 43.62 -17.69
CA LEU A 51 21.21 42.52 -16.79
C LEU A 51 22.28 41.94 -15.90
N ALA A 52 21.89 41.73 -14.63
CA ALA A 52 22.71 41.01 -13.70
C ALA A 52 21.88 39.89 -13.04
N ILE A 53 22.63 38.87 -12.66
CA ILE A 53 22.07 37.77 -11.83
C ILE A 53 22.90 37.70 -10.57
N ILE A 54 22.22 37.85 -9.49
CA ILE A 54 22.85 37.79 -8.19
C ILE A 54 22.51 36.42 -7.48
N SER A 55 23.53 35.66 -7.13
CA SER A 55 23.35 34.35 -6.53
C SER A 55 24.30 34.11 -5.42
N LYS A 56 23.76 33.46 -4.38
CA LYS A 56 24.63 33.03 -3.28
C LYS A 56 25.46 31.85 -3.61
N GLU A 57 25.13 31.13 -4.70
CA GLU A 57 25.92 29.99 -5.06
C GLU A 57 27.18 30.45 -5.77
N ALA A 58 28.14 29.56 -5.83
CA ALA A 58 29.41 29.85 -6.45
C ALA A 58 29.49 29.51 -7.95
N VAL A 59 28.37 29.17 -8.57
CA VAL A 59 28.40 28.64 -9.91
C VAL A 59 27.25 29.20 -10.63
N ALA A 60 27.34 29.17 -11.96
CA ALA A 60 26.30 29.76 -12.77
C ALA A 60 25.13 28.78 -12.73
N PRO A 61 23.94 29.22 -13.07
CA PRO A 61 22.73 28.46 -12.98
C PRO A 61 22.85 27.08 -13.67
N TYR A 62 22.24 26.10 -12.99
CA TYR A 62 22.33 24.71 -13.39
C TYR A 62 20.96 24.00 -13.26
N GLU A 63 20.85 22.83 -13.88
CA GLU A 63 19.59 22.10 -13.85
C GLU A 63 19.63 21.32 -12.51
N ARG A 64 18.96 21.88 -11.52
CA ARG A 64 18.89 21.34 -10.16
C ARG A 64 18.39 19.88 -10.12
N PRO A 65 17.50 19.46 -11.04
CA PRO A 65 17.14 18.03 -10.96
C PRO A 65 18.24 17.02 -11.05
N ALA A 66 19.32 17.34 -11.72
CA ALA A 66 20.43 16.41 -11.77
C ALA A 66 21.06 16.05 -10.43
N LEU A 67 20.90 16.91 -9.43
CA LEU A 67 21.56 16.65 -8.17
C LEU A 67 21.04 15.37 -7.48
N SER A 68 19.80 15.07 -7.65
CA SER A 68 19.22 13.81 -7.06
C SER A 68 19.29 12.58 -7.94
N LYS A 69 19.84 12.74 -9.14
CA LYS A 69 19.80 11.67 -10.15
C LYS A 69 21.23 11.41 -10.69
N GLY A 70 21.62 11.96 -11.83
CA GLY A 70 22.93 11.77 -12.39
C GLY A 70 24.12 12.13 -11.56
N TYR A 71 23.99 13.18 -10.71
CA TYR A 71 25.07 13.58 -9.85
C TYR A 71 25.50 12.47 -8.96
N LEU A 72 24.58 11.57 -8.65
CA LEU A 72 24.87 10.56 -7.65
C LEU A 72 25.23 9.19 -8.25
N PHE A 73 25.32 9.03 -9.57
CA PHE A 73 25.80 7.76 -10.14
C PHE A 73 27.19 7.40 -9.67
N PRO A 74 27.42 6.14 -9.34
CA PRO A 74 28.79 5.87 -8.89
C PRO A 74 29.86 5.95 -9.99
N GLN A 75 29.47 5.86 -11.25
CA GLN A 75 30.36 6.18 -12.34
C GLN A 75 29.67 6.96 -13.45
N ASN A 76 30.47 7.78 -14.15
CA ASN A 76 29.94 8.65 -15.19
C ASN A 76 28.82 9.51 -14.69
N ALA A 77 29.10 10.09 -13.54
CA ALA A 77 28.14 10.96 -12.90
C ALA A 77 28.09 12.32 -13.59
N ALA A 78 26.96 12.96 -13.49
CA ALA A 78 26.87 14.36 -13.90
C ALA A 78 27.72 15.24 -12.98
N ARG A 79 28.36 16.27 -13.55
CA ARG A 79 29.17 17.22 -12.75
C ARG A 79 29.10 18.52 -13.48
N LEU A 80 29.35 19.63 -12.78
CA LEU A 80 29.42 20.91 -13.47
C LEU A 80 30.81 20.98 -14.14
N PRO A 81 30.91 21.59 -15.33
CA PRO A 81 29.88 22.37 -15.99
C PRO A 81 28.90 21.64 -16.89
N GLY A 82 28.88 20.28 -16.87
CA GLY A 82 27.97 19.57 -17.74
C GLY A 82 26.53 19.99 -17.71
N PHE A 83 25.93 20.08 -16.51
CA PHE A 83 24.51 20.26 -16.44
C PHE A 83 24.12 21.68 -16.07
N HIS A 84 24.97 22.64 -16.44
CA HIS A 84 24.44 24.02 -16.54
C HIS A 84 23.22 24.05 -17.38
N VAL A 85 22.36 25.03 -17.12
CA VAL A 85 21.20 25.21 -17.92
C VAL A 85 21.71 25.66 -19.33
N CYS A 86 20.95 25.44 -20.40
CA CYS A 86 19.63 24.85 -20.43
C CYS A 86 19.58 23.33 -20.89
N VAL A 87 20.67 22.58 -20.69
CA VAL A 87 20.83 21.25 -21.26
C VAL A 87 19.70 20.29 -20.76
N GLY A 88 19.03 20.62 -19.64
CA GLY A 88 17.97 19.77 -19.10
C GLY A 88 16.67 19.72 -19.86
N SER A 89 16.46 20.69 -20.75
CA SER A 89 15.28 20.68 -21.58
C SER A 89 15.74 20.49 -23.04
N GLY A 90 16.97 20.09 -23.27
CA GLY A 90 17.50 19.98 -24.63
C GLY A 90 17.92 21.31 -25.22
N GLY A 91 18.22 22.30 -24.36
CA GLY A 91 18.70 23.56 -24.76
C GLY A 91 20.19 23.63 -24.85
N GLU A 92 20.62 24.80 -25.30
CA GLU A 92 22.05 25.17 -25.38
C GLU A 92 22.59 25.29 -23.96
N ARG A 93 23.86 24.96 -23.76
CA ARG A 93 24.41 25.04 -22.43
C ARG A 93 24.92 26.47 -22.22
N LEU A 94 24.60 27.07 -21.10
CA LEU A 94 25.11 28.43 -20.76
C LEU A 94 26.24 28.38 -19.75
N LEU A 95 27.47 28.39 -20.22
CA LEU A 95 28.65 28.31 -19.37
C LEU A 95 28.89 29.73 -18.86
N PRO A 96 29.65 29.87 -17.81
CA PRO A 96 30.01 31.27 -17.44
C PRO A 96 30.36 32.18 -18.63
N GLU A 97 31.17 31.66 -19.55
CA GLU A 97 31.63 32.45 -20.69
C GLU A 97 30.51 32.94 -21.60
N TRP A 98 29.37 32.26 -21.63
CA TRP A 98 28.22 32.76 -22.38
C TRP A 98 27.75 34.03 -21.77
N TYR A 99 27.74 34.09 -20.42
CA TYR A 99 27.20 35.27 -19.78
C TYR A 99 28.15 36.51 -20.08
N SER A 100 29.45 36.38 -19.87
CA SER A 100 30.39 37.50 -20.12
C SER A 100 30.39 37.93 -21.56
N GLU A 101 30.36 36.98 -22.50
CA GLU A 101 30.32 37.30 -23.94
C GLU A 101 29.02 38.08 -24.29
N LYS A 102 27.93 37.82 -23.56
CA LYS A 102 26.71 38.66 -23.73
C LYS A 102 26.65 39.90 -22.81
N GLY A 103 27.67 40.10 -21.98
CA GLY A 103 27.65 41.27 -21.08
C GLY A 103 26.50 41.19 -20.06
N ILE A 104 26.20 39.94 -19.63
CA ILE A 104 25.24 39.64 -18.53
C ILE A 104 26.07 39.34 -17.29
N GLU A 105 25.86 40.15 -16.24
CA GLU A 105 26.80 40.07 -15.15
C GLU A 105 26.35 38.99 -14.20
N LEU A 106 27.23 38.02 -14.01
CA LEU A 106 27.00 37.05 -12.96
C LEU A 106 27.71 37.48 -11.75
N ILE A 107 26.92 37.79 -10.76
CA ILE A 107 27.47 38.10 -9.42
C ILE A 107 27.24 36.94 -8.42
N LEU A 108 28.30 36.16 -8.24
CA LEU A 108 28.25 34.91 -7.53
C LEU A 108 28.70 35.09 -6.13
N SER A 109 28.44 34.08 -5.31
CA SER A 109 28.86 34.07 -3.93
C SER A 109 28.43 35.31 -3.19
N THR A 110 27.25 35.80 -3.54
CA THR A 110 26.75 37.01 -3.00
C THR A 110 25.37 36.75 -2.45
N GLU A 111 25.22 36.77 -1.12
CA GLU A 111 23.88 36.66 -0.57
C GLU A 111 23.25 38.00 -0.29
N ILE A 112 22.05 38.22 -0.81
CA ILE A 112 21.30 39.42 -0.50
C ILE A 112 20.61 39.19 0.81
N VAL A 113 20.87 40.09 1.76
CA VAL A 113 20.25 40.03 3.10
C VAL A 113 19.24 41.13 3.31
N LYS A 114 19.23 42.16 2.46
CA LYS A 114 18.11 43.08 2.45
C LYS A 114 17.69 43.55 1.05
N ALA A 115 16.37 43.68 0.90
CA ALA A 115 15.79 44.21 -0.30
C ALA A 115 14.82 45.30 0.05
N ASP A 116 15.06 46.51 -0.51
CA ASP A 116 14.16 47.62 -0.25
C ASP A 116 13.43 47.92 -1.54
N LEU A 117 12.20 47.45 -1.62
CA LEU A 117 11.51 47.59 -2.88
C LEU A 117 11.18 49.05 -3.19
N ALA A 118 10.93 49.84 -2.14
CA ALA A 118 10.61 51.29 -2.28
C ALA A 118 11.82 52.02 -2.86
N SER A 119 13.03 51.68 -2.42
CA SER A 119 14.22 52.28 -3.02
C SER A 119 14.86 51.50 -4.19
N LYS A 120 14.37 50.31 -4.53
CA LYS A 120 14.96 49.52 -5.64
C LYS A 120 16.44 49.26 -5.46
N THR A 121 16.76 48.90 -4.21
CA THR A 121 18.11 48.58 -3.80
C THR A 121 18.19 47.28 -2.98
N LEU A 122 19.25 46.55 -3.26
CA LEU A 122 19.53 45.28 -2.61
C LEU A 122 20.85 45.37 -1.99
N THR A 123 20.97 44.80 -0.81
CA THR A 123 22.20 44.88 -0.07
C THR A 123 22.70 43.48 0.22
N SER A 124 23.96 43.19 -0.10
CA SER A 124 24.56 41.89 0.19
C SER A 124 24.92 41.78 1.65
N ALA A 125 25.30 40.55 2.02
CA ALA A 125 25.80 40.21 3.36
C ALA A 125 27.09 40.93 3.78
N VAL A 126 27.76 41.52 2.81
CA VAL A 126 29.06 42.05 2.94
C VAL A 126 28.95 43.58 2.87
N GLY A 127 27.72 44.13 2.90
CA GLY A 127 27.48 45.57 2.79
C GLY A 127 27.22 46.12 1.39
N ALA A 128 27.60 45.40 0.32
CA ALA A 128 27.51 45.99 -1.03
C ALA A 128 26.09 46.18 -1.49
N THR A 129 25.93 47.05 -2.46
CA THR A 129 24.62 47.52 -2.78
C THR A 129 24.41 47.44 -4.33
N PHE A 130 23.15 47.24 -4.72
CA PHE A 130 22.78 46.95 -6.09
C PHE A 130 21.42 47.54 -6.36
N THR A 131 21.28 48.26 -7.49
CA THR A 131 19.97 48.83 -7.87
C THR A 131 19.51 48.26 -9.18
N TYR A 132 18.20 48.36 -9.36
CA TYR A 132 17.54 47.84 -10.50
C TYR A 132 16.40 48.78 -10.87
N GLU A 133 15.92 48.67 -12.10
CA GLU A 133 14.60 49.21 -12.48
C GLU A 133 13.54 48.13 -12.54
N ILE A 134 14.00 46.93 -12.90
CA ILE A 134 13.07 45.75 -12.96
C ILE A 134 13.76 44.66 -12.18
N LEU A 135 13.00 44.03 -11.31
CA LEU A 135 13.55 42.93 -10.49
C LEU A 135 12.78 41.61 -10.76
N ILE A 136 13.52 40.55 -10.96
CA ILE A 136 12.87 39.19 -10.98
C ILE A 136 13.35 38.41 -9.73
N ILE A 137 12.40 38.12 -8.88
CA ILE A 137 12.66 37.33 -7.72
C ILE A 137 12.65 35.84 -8.07
N ALA A 138 13.78 35.17 -7.97
CA ALA A 138 13.86 33.75 -8.40
C ALA A 138 14.64 33.00 -7.33
N THR A 139 14.21 33.19 -6.07
CA THR A 139 15.01 32.75 -4.89
C THR A 139 14.73 31.28 -4.49
N GLY A 140 13.75 30.68 -5.17
CA GLY A 140 13.48 29.24 -5.09
C GLY A 140 12.96 28.89 -3.68
N SER A 141 13.33 27.71 -3.20
CA SER A 141 12.86 27.18 -1.90
C SER A 141 13.97 26.90 -0.96
N SER A 142 13.61 26.91 0.34
CA SER A 142 14.55 26.42 1.35
C SER A 142 14.45 24.88 1.38
N VAL A 143 15.36 24.24 2.08
CA VAL A 143 15.22 22.88 2.48
C VAL A 143 14.81 22.91 3.94
N ILE A 144 13.72 22.27 4.29
CA ILE A 144 13.37 22.10 5.70
C ILE A 144 14.37 21.13 6.41
N LYS A 145 14.85 21.51 7.62
CA LYS A 145 15.88 20.71 8.30
C LYS A 145 15.35 20.30 9.68
N LEU A 146 15.73 19.11 10.11
CA LEU A 146 15.27 18.60 11.41
C LEU A 146 15.76 19.54 12.56
N SER A 147 16.85 20.25 12.32
CA SER A 147 17.35 21.29 13.25
C SER A 147 16.34 22.43 13.34
N ASP A 148 15.51 22.67 12.29
CA ASP A 148 14.45 23.69 12.37
C ASP A 148 13.40 23.30 13.40
N PHE A 149 13.20 22.01 13.59
CA PHE A 149 12.27 21.52 14.55
C PHE A 149 12.87 21.48 15.96
N GLY A 150 14.18 21.58 16.10
CA GLY A 150 14.90 21.41 17.40
C GLY A 150 15.04 19.96 17.79
N THR A 151 14.95 19.04 16.81
CA THR A 151 15.05 17.62 17.12
C THR A 151 16.43 17.34 17.73
N GLN A 152 16.40 16.56 18.78
CA GLN A 152 17.62 16.15 19.51
C GLN A 152 18.61 15.44 18.60
N GLY A 153 19.85 15.90 18.63
CA GLY A 153 20.92 15.26 17.89
C GLY A 153 20.86 15.54 16.39
N ALA A 154 19.99 16.44 15.97
CA ALA A 154 19.88 16.80 14.52
C ALA A 154 21.07 17.54 13.99
N ASP A 155 21.91 18.04 14.87
CA ASP A 155 23.21 18.62 14.51
C ASP A 155 24.33 17.62 14.27
N SER A 156 24.06 16.35 14.40
CA SER A 156 25.11 15.37 14.19
C SER A 156 25.69 15.38 12.78
N ASN A 157 26.95 15.00 12.66
CA ASN A 157 27.57 14.94 11.37
C ASN A 157 27.03 13.75 10.56
N ASN A 158 26.98 13.93 9.26
CA ASN A 158 26.48 12.96 8.26
C ASN A 158 24.93 12.80 8.26
N ILE A 159 24.25 13.74 8.88
CA ILE A 159 22.85 14.01 8.62
C ILE A 159 22.80 15.03 7.53
N LEU A 160 22.33 14.64 6.33
CA LEU A 160 22.59 15.40 5.14
C LEU A 160 21.27 15.78 4.43
N TYR A 161 21.30 16.95 3.83
CA TYR A 161 20.17 17.52 3.03
C TYR A 161 20.62 17.73 1.60
N LEU A 162 19.66 17.86 0.70
CA LEU A 162 20.00 18.06 -0.73
C LEU A 162 19.12 19.13 -1.35
N ARG A 163 19.71 20.29 -1.54
CA ARG A 163 19.09 21.30 -2.29
C ARG A 163 20.03 21.87 -3.37
N GLU A 164 21.28 22.15 -3.03
CA GLU A 164 22.22 22.80 -3.93
C GLU A 164 23.41 21.98 -4.21
N VAL A 165 24.20 22.41 -5.23
CA VAL A 165 25.35 21.61 -5.62
C VAL A 165 26.38 21.43 -4.52
N ASP A 166 26.54 22.43 -3.65
CA ASP A 166 27.39 22.21 -2.47
C ASP A 166 26.93 21.08 -1.55
N ASP A 167 25.63 21.00 -1.33
CA ASP A 167 25.03 19.83 -0.59
C ASP A 167 25.32 18.54 -1.32
N ALA A 168 25.22 18.53 -2.65
CA ALA A 168 25.45 17.29 -3.40
C ALA A 168 26.85 16.82 -3.30
N ASP A 169 27.80 17.74 -3.36
CA ASP A 169 29.19 17.39 -3.10
C ASP A 169 29.40 16.78 -1.70
N LYS A 170 28.76 17.32 -0.67
CA LYS A 170 28.92 16.74 0.64
C LYS A 170 28.39 15.30 0.70
N LEU A 171 27.32 15.04 -0.01
CA LEU A 171 26.70 13.72 0.03
C LEU A 171 27.61 12.77 -0.72
N VAL A 172 28.15 13.18 -1.87
CA VAL A 172 28.98 12.24 -2.62
C VAL A 172 30.22 11.87 -1.78
N ALA A 173 30.72 12.84 -1.09
CA ALA A 173 31.86 12.62 -0.22
C ALA A 173 31.54 11.68 0.92
N ALA A 174 30.39 11.82 1.54
CA ALA A 174 29.94 10.86 2.54
C ALA A 174 29.67 9.49 2.01
N ILE A 175 29.15 9.43 0.81
CA ILE A 175 28.96 8.12 0.18
C ILE A 175 30.30 7.38 -0.02
N GLN A 176 31.36 8.12 -0.33
CA GLN A 176 32.71 7.56 -0.48
C GLN A 176 33.26 7.14 0.84
N ALA A 177 33.12 8.02 1.84
CA ALA A 177 33.66 7.76 3.18
C ALA A 177 32.98 6.61 3.87
N LYS A 178 31.66 6.42 3.64
CA LYS A 178 30.93 5.44 4.35
C LYS A 178 30.55 4.23 3.49
N LYS A 179 31.29 3.92 2.42
CA LYS A 179 30.89 2.89 1.46
C LYS A 179 30.61 1.53 2.09
N GLY A 180 29.57 0.91 1.60
CA GLY A 180 29.07 -0.35 2.08
C GLY A 180 28.39 -0.29 3.41
N GLY A 181 28.09 0.91 3.92
CA GLY A 181 27.52 1.03 5.23
C GLY A 181 26.02 1.16 5.14
N LYS A 182 25.44 1.75 6.19
CA LYS A 182 24.02 1.84 6.36
C LYS A 182 23.49 3.27 6.18
N ALA A 183 22.44 3.43 5.36
CA ALA A 183 21.81 4.70 5.15
C ALA A 183 20.36 4.67 5.54
N VAL A 184 19.93 5.75 6.17
CA VAL A 184 18.56 5.91 6.58
C VAL A 184 18.10 7.15 5.82
N ILE A 185 16.98 7.04 5.13
CA ILE A 185 16.36 8.12 4.39
C ILE A 185 15.14 8.53 5.17
N VAL A 186 15.11 9.77 5.62
CA VAL A 186 13.96 10.30 6.33
C VAL A 186 13.09 11.10 5.39
N GLY A 187 11.85 10.61 5.17
CA GLY A 187 10.88 11.28 4.28
C GLY A 187 10.51 10.40 3.08
N GLY A 188 9.25 10.50 2.70
CA GLY A 188 8.66 9.68 1.57
C GLY A 188 8.04 10.49 0.43
N GLY A 189 8.59 11.67 0.19
CA GLY A 189 8.30 12.49 -0.93
C GLY A 189 9.28 12.26 -2.08
N TYR A 190 9.47 13.30 -2.88
CA TYR A 190 10.35 13.19 -4.04
C TYR A 190 11.78 12.92 -3.69
N ILE A 191 12.27 13.62 -2.69
CA ILE A 191 13.64 13.40 -2.27
C ILE A 191 13.79 11.99 -1.71
N GLY A 192 12.89 11.57 -0.86
CA GLY A 192 13.01 10.23 -0.33
C GLY A 192 13.05 9.16 -1.39
N LEU A 193 12.12 9.24 -2.31
CA LEU A 193 12.08 8.31 -3.39
C LEU A 193 13.31 8.21 -4.21
N GLU A 194 13.77 9.37 -4.68
CA GLU A 194 15.00 9.44 -5.50
C GLU A 194 16.24 9.09 -4.75
N LEU A 195 16.39 9.56 -3.52
CA LEU A 195 17.59 9.31 -2.75
C LEU A 195 17.70 7.92 -2.20
N SER A 196 16.59 7.31 -1.82
CA SER A 196 16.62 5.93 -1.42
C SER A 196 17.21 5.10 -2.56
N ALA A 197 16.71 5.32 -3.75
CA ALA A 197 17.25 4.63 -4.92
C ALA A 197 18.70 4.91 -5.17
N ALA A 198 19.13 6.18 -5.08
CA ALA A 198 20.54 6.54 -5.31
C ALA A 198 21.45 5.86 -4.31
N LEU A 199 21.07 5.83 -3.03
CA LEU A 199 21.90 5.18 -2.04
C LEU A 199 22.00 3.68 -2.27
N LYS A 200 20.93 3.07 -2.71
CA LYS A 200 20.96 1.65 -2.95
C LYS A 200 21.90 1.32 -4.13
N ILE A 201 21.78 2.06 -5.20
CA ILE A 201 22.71 1.99 -6.31
C ILE A 201 24.15 2.20 -5.94
N ASN A 202 24.38 2.98 -4.92
CA ASN A 202 25.74 3.19 -4.39
C ASN A 202 26.21 2.13 -3.37
N ASP A 203 25.50 1.00 -3.28
CA ASP A 203 25.85 -0.10 -2.42
C ASP A 203 25.59 0.08 -0.95
N PHE A 204 24.58 0.87 -0.56
CA PHE A 204 24.28 1.00 0.86
C PHE A 204 23.10 0.08 1.17
N ASP A 205 23.06 -0.36 2.41
CA ASP A 205 21.91 -0.99 3.08
C ASP A 205 20.99 0.19 3.39
N VAL A 206 19.80 0.25 2.81
CA VAL A 206 18.98 1.51 2.85
C VAL A 206 17.67 1.24 3.52
N THR A 207 17.25 2.12 4.43
CA THR A 207 15.98 2.04 5.10
C THR A 207 15.34 3.42 4.96
N MET A 208 14.11 3.46 4.46
CA MET A 208 13.32 4.71 4.35
C MET A 208 12.29 4.78 5.47
N VAL A 209 12.19 5.95 6.10
CA VAL A 209 11.32 6.17 7.22
C VAL A 209 10.38 7.33 6.93
N PHE A 210 9.09 7.12 7.01
CA PHE A 210 8.18 8.28 6.83
C PHE A 210 6.84 8.10 7.48
N PRO A 211 6.15 9.20 7.77
CA PRO A 211 4.93 9.07 8.62
C PRO A 211 3.66 8.77 7.85
N GLU A 212 3.60 9.02 6.56
CA GLU A 212 2.27 8.87 5.89
C GLU A 212 1.99 7.39 5.53
N PRO A 213 0.75 7.06 5.14
CA PRO A 213 0.35 5.64 4.97
C PRO A 213 0.97 4.96 3.73
N TRP A 214 1.40 5.77 2.79
CA TRP A 214 2.12 5.26 1.59
C TRP A 214 2.92 6.40 1.01
N CYS A 215 3.96 6.10 0.19
CA CYS A 215 4.88 7.17 -0.25
C CYS A 215 4.21 8.14 -1.28
N MET A 216 4.75 9.37 -1.41
CA MET A 216 4.17 10.46 -2.26
C MET A 216 2.70 10.64 -2.08
N PRO A 217 2.27 10.73 -0.81
CA PRO A 217 0.83 10.75 -0.47
C PRO A 217 0.01 11.85 -1.15
N ARG A 218 0.62 12.97 -1.53
CA ARG A 218 -0.08 14.05 -2.25
C ARG A 218 -0.51 13.67 -3.68
N LEU A 219 0.33 12.94 -4.40
CA LEU A 219 0.04 12.55 -5.78
C LEU A 219 -0.30 11.07 -5.95
N PHE A 220 0.44 10.14 -5.34
CA PHE A 220 0.18 8.77 -5.64
C PHE A 220 -1.15 8.32 -4.99
N THR A 221 -1.90 7.53 -5.69
CA THR A 221 -2.98 6.75 -5.10
C THR A 221 -2.39 5.54 -4.34
N ALA A 222 -3.24 4.85 -3.60
CA ALA A 222 -2.83 3.69 -2.86
C ALA A 222 -2.35 2.65 -3.78
N ASP A 223 -3.01 2.48 -4.91
CA ASP A 223 -2.60 1.50 -5.94
C ASP A 223 -1.24 1.77 -6.54
N ILE A 224 -0.99 3.04 -6.86
CA ILE A 224 0.31 3.45 -7.41
C ILE A 224 1.41 3.31 -6.39
N ALA A 225 1.14 3.78 -5.19
CA ALA A 225 2.08 3.72 -4.15
C ALA A 225 2.50 2.30 -3.84
N ALA A 226 1.52 1.41 -3.84
CA ALA A 226 1.82 -0.01 -3.54
C ALA A 226 2.75 -0.60 -4.56
N PHE A 227 2.61 -0.24 -5.85
CA PHE A 227 3.58 -0.67 -6.84
C PHE A 227 5.01 -0.25 -6.46
N TYR A 228 5.22 1.07 -6.21
CA TYR A 228 6.53 1.57 -5.91
C TYR A 228 7.08 0.97 -4.63
N GLU A 229 6.25 0.83 -3.61
CA GLU A 229 6.72 0.20 -2.38
C GLU A 229 7.23 -1.27 -2.62
N SER A 230 6.43 -2.05 -3.29
CA SER A 230 6.84 -3.44 -3.60
C SER A 230 8.06 -3.47 -4.47
N TYR A 231 8.15 -2.55 -5.43
CA TYR A 231 9.35 -2.50 -6.24
C TYR A 231 10.63 -2.24 -5.45
N TYR A 232 10.57 -1.21 -4.59
CA TYR A 232 11.63 -0.91 -3.69
C TYR A 232 11.97 -2.06 -2.77
N THR A 233 10.94 -2.70 -2.21
CA THR A 233 11.15 -3.83 -1.34
C THR A 233 11.92 -4.93 -2.06
N ASN A 234 11.57 -5.15 -3.31
CA ASN A 234 12.24 -6.15 -4.12
C ASN A 234 13.67 -5.83 -4.42
N LYS A 235 13.99 -4.54 -4.55
CA LYS A 235 15.38 -4.06 -4.61
C LYS A 235 16.17 -4.10 -3.29
N GLY A 236 15.52 -4.43 -2.22
CA GLY A 236 16.13 -4.59 -0.95
C GLY A 236 16.13 -3.35 -0.05
N VAL A 237 15.31 -2.36 -0.41
CA VAL A 237 15.11 -1.15 0.42
C VAL A 237 14.12 -1.47 1.48
N LYS A 238 14.46 -1.21 2.73
CA LYS A 238 13.53 -1.44 3.87
C LYS A 238 12.69 -0.16 4.02
N ILE A 239 11.38 -0.31 4.37
CA ILE A 239 10.43 0.82 4.43
C ILE A 239 9.73 0.78 5.75
N VAL A 240 9.93 1.81 6.57
CA VAL A 240 9.32 1.85 7.88
C VAL A 240 8.35 2.97 7.85
N LYS A 241 7.07 2.61 7.95
CA LYS A 241 5.95 3.51 7.80
C LYS A 241 5.36 3.95 9.16
N GLY A 242 4.66 5.05 9.13
CA GLY A 242 3.88 5.42 10.35
C GLY A 242 4.72 5.97 11.48
N THR A 243 5.90 6.48 11.17
CA THR A 243 6.71 7.08 12.26
C THR A 243 7.66 8.15 11.75
N VAL A 244 8.34 8.79 12.69
CA VAL A 244 9.28 9.91 12.37
C VAL A 244 10.52 9.74 13.26
N ALA A 245 11.59 10.45 12.95
CA ALA A 245 12.80 10.44 13.75
C ALA A 245 12.60 11.41 14.90
N VAL A 246 12.80 10.97 16.11
CA VAL A 246 12.69 11.84 17.30
C VAL A 246 14.04 12.11 17.93
N GLY A 247 15.10 11.49 17.39
CA GLY A 247 16.43 11.71 17.92
C GLY A 247 17.47 10.92 17.19
N PHE A 248 18.72 11.24 17.44
CA PHE A 248 19.84 10.63 16.80
C PHE A 248 20.91 10.41 17.85
N ASP A 249 21.60 9.28 17.78
CA ASP A 249 22.80 9.08 18.62
C ASP A 249 23.96 9.45 17.79
N ALA A 250 24.97 9.98 18.44
CA ALA A 250 26.19 10.29 17.80
C ALA A 250 27.32 9.71 18.65
N ASP A 251 28.44 9.49 18.00
CA ASP A 251 29.61 9.00 18.65
C ASP A 251 30.43 10.17 19.22
N ALA A 252 31.56 9.87 19.84
CA ALA A 252 32.36 10.88 20.53
C ALA A 252 32.89 11.96 19.53
N ASN A 253 33.03 11.60 18.27
CA ASN A 253 33.36 12.57 17.21
C ASN A 253 32.10 13.35 16.72
N GLY A 254 30.93 13.09 17.31
CA GLY A 254 29.69 13.79 16.87
C GLY A 254 29.12 13.34 15.50
N ASP A 255 29.58 12.20 14.99
CA ASP A 255 29.03 11.58 13.79
C ASP A 255 27.81 10.74 14.13
N VAL A 256 26.76 10.83 13.32
CA VAL A 256 25.63 10.00 13.54
C VAL A 256 25.91 8.53 13.61
N THR A 257 25.25 7.85 14.51
CA THR A 257 25.36 6.39 14.56
C THR A 257 24.04 5.67 14.56
N ALA A 258 22.96 6.32 14.92
CA ALA A 258 21.68 5.73 14.90
C ALA A 258 20.56 6.78 14.88
N VAL A 259 19.45 6.37 14.32
CA VAL A 259 18.25 7.16 14.25
C VAL A 259 17.23 6.54 15.22
N ASN A 260 16.79 7.33 16.19
CA ASN A 260 15.73 6.94 17.13
C ASN A 260 14.37 7.35 16.64
N LEU A 261 13.47 6.39 16.53
CA LEU A 261 12.16 6.60 15.97
C LEU A 261 11.09 6.78 17.02
N LYS A 262 10.03 7.54 16.69
CA LYS A 262 8.89 7.88 17.61
C LYS A 262 8.35 6.62 18.25
N ASN A 263 8.30 5.55 17.50
CA ASN A 263 7.76 4.33 18.02
C ASN A 263 8.72 3.47 18.86
N GLY A 264 9.83 4.05 19.33
CA GLY A 264 10.84 3.35 20.12
C GLY A 264 11.82 2.44 19.42
N SER A 265 11.64 2.14 18.15
CA SER A 265 12.72 1.47 17.35
C SER A 265 13.94 2.39 17.08
N VAL A 266 15.08 1.79 16.82
CA VAL A 266 16.32 2.45 16.54
C VAL A 266 16.86 1.82 15.28
N LEU A 267 17.34 2.65 14.35
CA LEU A 267 17.98 2.22 13.13
C LEU A 267 19.42 2.65 13.17
N GLU A 268 20.33 1.72 13.00
CA GLU A 268 21.75 2.11 12.86
C GLU A 268 21.98 2.79 11.54
N ALA A 269 22.80 3.80 11.54
CA ALA A 269 23.02 4.59 10.34
C ALA A 269 24.44 5.16 10.31
N ASP A 270 25.11 5.05 9.18
CA ASP A 270 26.33 5.76 8.91
C ASP A 270 26.07 7.05 8.22
N ILE A 271 24.98 7.13 7.44
CA ILE A 271 24.57 8.33 6.77
C ILE A 271 23.07 8.45 6.94
N VAL A 272 22.58 9.65 7.24
CA VAL A 272 21.17 9.97 7.22
C VAL A 272 20.95 11.03 6.16
N VAL A 273 20.02 10.80 5.22
CA VAL A 273 19.57 11.75 4.26
C VAL A 273 18.12 12.11 4.54
N VAL A 274 17.86 13.41 4.62
CA VAL A 274 16.54 13.90 5.04
C VAL A 274 15.92 14.70 3.95
N GLY A 275 14.68 14.38 3.65
CA GLY A 275 13.88 15.08 2.66
C GLY A 275 12.49 15.30 3.17
N VAL A 276 12.24 16.40 3.88
CA VAL A 276 10.98 16.58 4.50
C VAL A 276 10.29 17.85 4.00
N GLY A 277 10.65 18.33 2.84
CA GLY A 277 9.95 19.44 2.22
C GLY A 277 10.82 20.68 2.12
N GLY A 278 10.30 21.62 1.34
CA GLY A 278 10.91 22.86 1.08
C GLY A 278 9.83 23.91 1.27
N ARG A 279 10.27 25.16 1.49
CA ARG A 279 9.35 26.27 1.64
C ARG A 279 9.89 27.48 0.84
N PRO A 280 9.01 28.24 0.19
CA PRO A 280 9.49 29.39 -0.62
C PRO A 280 10.34 30.38 0.15
N LEU A 281 11.48 30.80 -0.39
CA LEU A 281 12.38 31.72 0.26
C LEU A 281 11.95 33.14 0.00
N THR A 282 10.99 33.60 0.78
CA THR A 282 10.36 34.92 0.51
C THR A 282 10.55 35.97 1.64
N THR A 283 11.37 35.65 2.62
CA THR A 283 11.40 36.48 3.81
C THR A 283 12.04 37.83 3.56
N LEU A 284 13.00 37.94 2.63
CA LEU A 284 13.41 39.26 2.11
C LEU A 284 12.27 40.24 1.79
N PHE A 285 11.10 39.75 1.43
CA PHE A 285 10.02 40.59 0.91
C PHE A 285 8.84 40.70 1.83
N LYS A 286 8.98 40.15 3.02
CA LYS A 286 7.90 40.10 4.02
C LYS A 286 7.39 41.53 4.28
N GLY A 287 6.10 41.70 4.11
CA GLY A 287 5.47 43.00 4.23
C GLY A 287 5.50 43.90 3.01
N GLN A 288 6.40 43.67 2.06
CA GLN A 288 6.57 44.58 0.92
C GLN A 288 5.75 44.19 -0.30
N VAL A 289 5.39 42.91 -0.39
CA VAL A 289 4.53 42.40 -1.48
C VAL A 289 3.39 41.63 -0.89
N ALA A 290 2.30 41.45 -1.65
CA ALA A 290 1.19 40.61 -1.20
C ALA A 290 1.60 39.11 -1.35
N GLU A 291 1.16 38.31 -0.37
CA GLU A 291 1.53 36.88 -0.29
C GLU A 291 0.27 36.13 -0.21
N GLU A 292 0.24 34.94 -0.82
CA GLU A 292 -0.88 34.04 -0.69
C GLU A 292 -0.40 32.61 -0.91
N LYS A 293 -1.09 31.67 -0.26
CA LYS A 293 -0.74 30.25 -0.20
C LYS A 293 0.72 29.99 0.07
N GLY A 294 1.32 30.80 0.91
CA GLY A 294 2.77 30.68 1.21
C GLY A 294 3.76 31.25 0.21
N GLY A 295 3.30 31.85 -0.88
CA GLY A 295 4.22 32.41 -1.84
C GLY A 295 3.90 33.86 -2.15
N ILE A 296 4.68 34.43 -3.06
CA ILE A 296 4.47 35.84 -3.47
C ILE A 296 3.37 35.87 -4.52
N LYS A 297 2.26 36.56 -4.24
CA LYS A 297 1.15 36.61 -5.18
C LYS A 297 1.58 37.27 -6.51
N THR A 298 1.17 36.69 -7.64
CA THR A 298 1.43 37.35 -8.93
C THR A 298 0.20 37.24 -9.82
N ASP A 299 0.25 37.99 -10.90
CA ASP A 299 -0.74 37.92 -11.94
C ASP A 299 -0.28 36.88 -13.00
N ALA A 300 -0.96 36.86 -14.17
CA ALA A 300 -0.68 35.87 -15.22
C ALA A 300 0.60 36.21 -15.95
N PHE A 301 1.27 37.29 -15.56
CA PHE A 301 2.51 37.75 -16.16
C PHE A 301 3.65 37.66 -15.16
N PHE A 302 3.38 37.03 -14.01
CA PHE A 302 4.36 36.94 -12.93
C PHE A 302 4.75 38.28 -12.26
N GLU A 303 3.97 39.31 -12.51
CA GLU A 303 4.23 40.58 -11.83
C GLU A 303 3.55 40.58 -10.47
N THR A 304 4.31 41.01 -9.45
CA THR A 304 3.88 41.06 -8.05
C THR A 304 2.98 42.28 -7.83
N SER A 305 2.48 42.45 -6.60
CA SER A 305 1.96 43.74 -6.01
C SER A 305 2.67 45.06 -6.41
N VAL A 306 3.99 45.01 -6.47
CA VAL A 306 4.87 46.13 -6.72
C VAL A 306 5.26 46.16 -8.19
N PRO A 307 4.99 47.32 -8.86
CA PRO A 307 5.23 47.24 -10.31
C PRO A 307 6.69 47.21 -10.63
N GLY A 308 7.04 46.52 -11.71
CA GLY A 308 8.43 46.29 -12.03
C GLY A 308 9.07 45.19 -11.18
N VAL A 309 8.29 44.53 -10.32
CA VAL A 309 8.85 43.43 -9.46
C VAL A 309 8.09 42.17 -9.83
N TYR A 310 8.87 41.21 -10.33
CA TYR A 310 8.28 39.94 -10.75
C TYR A 310 8.74 38.84 -9.78
N ALA A 311 7.95 37.77 -9.71
CA ALA A 311 8.33 36.55 -8.95
C ALA A 311 8.01 35.31 -9.80
N VAL A 312 8.99 34.44 -9.94
CA VAL A 312 8.92 33.23 -10.81
C VAL A 312 9.29 31.94 -10.00
N GLY A 313 9.16 30.78 -10.65
CA GLY A 313 9.56 29.54 -10.01
C GLY A 313 8.82 29.21 -8.73
N ASP A 314 9.52 28.50 -7.84
CA ASP A 314 8.91 27.96 -6.67
C ASP A 314 8.20 29.08 -5.78
N VAL A 315 8.64 30.35 -5.85
CA VAL A 315 8.09 31.42 -4.95
C VAL A 315 6.75 31.96 -5.33
N ALA A 316 6.35 31.76 -6.57
CA ALA A 316 5.21 32.45 -7.10
C ALA A 316 3.90 31.77 -6.81
N THR A 317 2.91 32.49 -6.30
CA THR A 317 1.56 32.01 -6.27
C THR A 317 0.79 32.73 -7.36
N PHE A 318 0.29 32.00 -8.34
CA PHE A 318 -0.09 32.63 -9.61
C PHE A 318 -1.37 32.05 -10.09
N PRO A 319 -2.06 32.72 -11.05
CA PRO A 319 -3.38 32.20 -11.41
C PRO A 319 -3.31 31.04 -12.39
N MET A 320 -3.95 29.93 -12.04
CA MET A 320 -3.84 28.73 -12.85
C MET A 320 -5.11 28.68 -13.66
N LYS A 321 -5.01 29.35 -14.81
CA LYS A 321 -6.04 29.50 -15.85
C LYS A 321 -6.91 28.27 -15.99
N MET A 322 -6.30 27.13 -16.30
CA MET A 322 -7.14 26.01 -16.66
C MET A 322 -7.97 25.42 -15.49
N TYR A 323 -7.61 25.73 -14.23
CA TYR A 323 -8.39 25.28 -13.04
C TYR A 323 -9.00 26.42 -12.21
N ASN A 324 -8.90 27.64 -12.72
CA ASN A 324 -9.49 28.82 -12.08
C ASN A 324 -9.24 28.84 -10.56
N GLU A 325 -7.96 28.78 -10.19
CA GLU A 325 -7.52 28.94 -8.82
C GLU A 325 -6.12 29.50 -8.85
N LEU A 326 -5.76 30.20 -7.79
CA LEU A 326 -4.35 30.51 -7.55
C LEU A 326 -3.60 29.24 -7.14
N ARG A 327 -2.33 29.13 -7.54
CA ARG A 327 -1.54 27.98 -7.09
C ARG A 327 -0.11 28.32 -7.01
N ARG A 328 0.61 27.50 -6.26
CA ARG A 328 2.02 27.57 -6.21
C ARG A 328 2.56 26.21 -6.65
N VAL A 329 3.62 26.21 -7.48
CA VAL A 329 4.15 24.94 -7.92
C VAL A 329 5.63 24.92 -7.69
N GLU A 330 6.13 23.76 -7.28
CA GLU A 330 7.52 23.65 -6.88
C GLU A 330 8.23 22.61 -7.69
N HIS A 331 8.09 22.73 -9.02
CA HIS A 331 8.68 21.81 -9.98
C HIS A 331 9.35 22.53 -11.17
N VAL A 332 10.23 21.82 -11.83
CA VAL A 332 11.23 22.38 -12.74
C VAL A 332 10.61 22.94 -14.07
N ASP A 333 9.63 22.25 -14.61
CA ASP A 333 9.00 22.67 -15.88
C ASP A 333 8.39 24.06 -15.71
N HIS A 334 7.64 24.24 -14.61
CA HIS A 334 7.13 25.57 -14.21
C HIS A 334 8.19 26.61 -13.96
N ALA A 335 9.29 26.23 -13.30
CA ALA A 335 10.41 27.14 -13.14
C ALA A 335 10.91 27.69 -14.49
N ARG A 336 11.03 26.79 -15.46
CA ARG A 336 11.55 27.18 -16.80
C ARG A 336 10.57 28.12 -17.50
N LYS A 337 9.30 27.71 -17.49
CA LYS A 337 8.30 28.38 -18.25
C LYS A 337 7.94 29.71 -17.63
N SER A 338 7.88 29.76 -16.28
CA SER A 338 7.50 30.99 -15.60
C SER A 338 8.56 32.05 -15.86
N ALA A 339 9.83 31.65 -15.87
CA ALA A 339 10.93 32.52 -16.12
C ALA A 339 10.81 33.20 -17.47
N GLU A 340 10.51 32.39 -18.47
CA GLU A 340 10.41 32.82 -19.85
C GLU A 340 9.26 33.82 -19.98
N GLN A 341 8.16 33.49 -19.32
CA GLN A 341 7.00 34.31 -19.36
C GLN A 341 7.23 35.68 -18.76
N ALA A 342 7.95 35.71 -17.65
CA ALA A 342 8.25 36.99 -17.02
C ALA A 342 9.03 37.89 -17.96
N VAL A 343 10.07 37.34 -18.57
CA VAL A 343 10.93 38.07 -19.45
C VAL A 343 10.16 38.57 -20.65
N LYS A 344 9.30 37.72 -21.20
CA LYS A 344 8.35 38.13 -22.26
C LYS A 344 7.42 39.24 -21.84
N ALA A 345 6.85 39.17 -20.64
CA ALA A 345 6.03 40.28 -20.12
C ALA A 345 6.81 41.60 -19.95
N ILE A 346 8.01 41.52 -19.38
CA ILE A 346 8.81 42.71 -19.18
C ILE A 346 9.07 43.36 -20.55
N LYS A 347 9.57 42.57 -21.48
CA LYS A 347 9.96 43.06 -22.81
C LYS A 347 8.76 43.58 -23.59
N GLY A 348 7.64 42.88 -23.45
CA GLY A 348 6.35 43.29 -23.98
C GLY A 348 5.97 44.69 -23.55
N LYS A 349 5.94 44.93 -22.23
CA LYS A 349 5.66 46.25 -21.66
C LYS A 349 6.56 47.37 -22.19
N GLU A 350 7.82 47.07 -22.52
CA GLU A 350 8.77 48.06 -23.05
C GLU A 350 8.38 48.63 -24.42
N SER A 351 8.00 47.74 -25.31
CA SER A 351 7.42 48.13 -26.59
C SER A 351 5.87 48.13 -26.63
N GLY A 352 5.18 48.06 -25.51
CA GLY A 352 3.72 47.96 -25.51
C GLY A 352 3.35 46.51 -25.79
N GLU A 353 3.02 45.80 -24.70
CA GLU A 353 2.36 44.46 -24.74
C GLU A 353 1.20 44.58 -25.81
N SER A 354 0.66 43.49 -26.35
CA SER A 354 0.21 42.33 -25.60
C SER A 354 1.17 41.15 -25.46
N VAL A 355 1.00 40.48 -24.32
CA VAL A 355 1.60 39.18 -24.06
C VAL A 355 0.42 38.31 -23.57
N VAL A 356 0.43 37.06 -23.98
CA VAL A 356 -0.59 36.07 -23.54
C VAL A 356 -0.46 35.76 -22.03
N GLU A 357 -1.58 35.46 -21.36
CA GLU A 357 -1.56 35.06 -19.98
C GLU A 357 -0.89 33.68 -19.85
N TYR A 358 -0.21 33.45 -18.73
CA TYR A 358 0.43 32.14 -18.53
C TYR A 358 -0.65 31.08 -18.51
N ASP A 359 -0.50 30.04 -19.34
CA ASP A 359 -1.53 28.95 -19.35
C ASP A 359 -0.85 27.61 -19.04
N TYR A 360 -0.74 27.31 -17.77
CA TYR A 360 0.11 26.22 -17.37
C TYR A 360 -0.63 24.89 -17.25
N LEU A 361 -0.10 23.86 -17.92
CA LEU A 361 -0.61 22.47 -17.78
C LEU A 361 0.38 21.78 -16.82
N PRO A 362 -0.06 21.42 -15.60
CA PRO A 362 0.90 20.85 -14.70
C PRO A 362 1.55 19.56 -15.25
N TYR A 363 2.88 19.46 -15.15
CA TYR A 363 3.66 18.34 -15.58
C TYR A 363 4.58 17.96 -14.42
N PHE A 364 4.42 16.77 -13.82
CA PHE A 364 5.34 16.24 -12.81
C PHE A 364 5.94 14.95 -13.27
N PHE A 365 7.14 14.64 -12.76
CA PHE A 365 7.80 13.40 -13.20
C PHE A 365 8.89 13.04 -12.19
N SER A 366 9.22 11.76 -12.12
CA SER A 366 10.30 11.28 -11.33
C SER A 366 10.85 10.01 -12.00
N ARG A 367 12.12 9.77 -11.80
CA ARG A 367 12.77 8.54 -12.27
C ARG A 367 13.66 7.99 -11.16
N SER A 368 13.64 6.66 -10.94
CA SER A 368 14.56 6.01 -10.00
C SER A 368 14.74 4.56 -10.42
N PHE A 369 15.88 3.96 -10.08
CA PHE A 369 16.18 2.64 -10.54
C PHE A 369 15.97 2.64 -12.05
N ASP A 370 15.20 1.72 -12.59
CA ASP A 370 14.88 1.71 -14.01
C ASP A 370 13.53 2.22 -14.32
N LEU A 371 12.92 2.89 -13.36
CA LEU A 371 11.58 3.36 -13.50
C LEU A 371 11.57 4.80 -13.96
N GLY A 372 10.47 5.21 -14.55
CA GLY A 372 10.19 6.62 -14.82
C GLY A 372 8.72 6.89 -15.14
N TRP A 373 8.12 7.87 -14.46
CA TRP A 373 6.74 8.19 -14.64
C TRP A 373 6.61 9.67 -14.96
N GLN A 374 5.48 9.98 -15.59
CA GLN A 374 4.95 11.33 -15.86
C GLN A 374 3.53 11.42 -15.48
N PHE A 375 3.16 12.59 -14.99
CA PHE A 375 1.80 12.96 -14.65
C PHE A 375 1.47 14.33 -15.20
N TYR A 376 0.27 14.45 -15.74
CA TYR A 376 -0.22 15.67 -16.29
C TYR A 376 -1.63 15.94 -15.78
N GLY A 377 -1.90 17.20 -15.55
CA GLY A 377 -3.23 17.67 -15.16
C GLY A 377 -3.38 17.92 -13.69
N ASP A 378 -4.52 17.47 -13.18
CA ASP A 378 -4.90 17.72 -11.81
C ASP A 378 -5.44 16.43 -11.20
N ASN A 379 -4.93 16.08 -10.03
CA ASN A 379 -5.23 14.80 -9.43
C ASN A 379 -6.45 15.00 -8.50
N VAL A 380 -7.62 15.18 -9.10
CA VAL A 380 -8.89 15.37 -8.40
C VAL A 380 -9.88 14.36 -8.91
N GLY A 381 -10.84 13.95 -8.08
CA GLY A 381 -11.91 13.07 -8.53
C GLY A 381 -11.60 11.62 -8.29
N ASP A 382 -12.26 10.74 -9.01
CA ASP A 382 -12.10 9.29 -8.82
C ASP A 382 -11.07 8.67 -9.74
N THR A 383 -10.31 7.68 -9.28
CA THR A 383 -9.17 7.19 -10.05
C THR A 383 -9.37 5.80 -10.53
N ILE A 384 -8.80 5.51 -11.66
CA ILE A 384 -8.72 4.14 -12.05
C ILE A 384 -7.35 3.85 -12.56
N LEU A 385 -6.94 2.62 -12.37
CA LEU A 385 -5.66 2.10 -12.75
C LEU A 385 -5.78 1.26 -14.01
N PHE A 386 -4.84 1.41 -14.96
CA PHE A 386 -4.73 0.53 -16.11
C PHE A 386 -3.31 0.03 -16.33
N GLY A 387 -3.21 -0.93 -17.23
CA GLY A 387 -1.99 -1.63 -17.61
C GLY A 387 -1.54 -2.65 -16.59
N ASP A 388 -0.25 -2.98 -16.63
CA ASP A 388 0.36 -3.89 -15.66
C ASP A 388 1.68 -3.31 -15.22
N SER A 389 1.98 -2.89 -14.00
CA SER A 389 1.43 -3.05 -12.63
C SER A 389 2.22 -4.08 -11.78
N ASP A 390 2.93 -4.97 -12.43
CA ASP A 390 3.74 -5.98 -11.83
C ASP A 390 5.13 -5.46 -11.47
N PRO A 391 5.43 -5.32 -10.18
CA PRO A 391 6.75 -4.88 -9.76
C PRO A 391 7.89 -5.77 -10.14
N THR A 392 7.63 -7.05 -10.49
CA THR A 392 8.69 -7.90 -11.09
C THR A 392 8.85 -7.68 -12.61
N SER A 393 8.41 -6.53 -13.08
CA SER A 393 9.03 -5.84 -14.25
C SER A 393 8.57 -6.61 -15.46
N ALA A 394 9.24 -6.59 -16.64
CA ALA A 394 10.22 -5.55 -17.12
C ALA A 394 9.85 -5.07 -18.52
N LYS A 395 9.94 -3.77 -18.85
CA LYS A 395 9.83 -2.68 -17.89
C LYS A 395 8.33 -2.46 -17.68
N PRO A 396 7.94 -2.26 -16.44
CA PRO A 396 6.52 -2.20 -16.17
C PRO A 396 5.93 -0.97 -16.77
N LYS A 397 4.70 -1.11 -17.20
CA LYS A 397 4.00 -0.07 -17.87
C LYS A 397 2.57 -0.02 -17.41
N PHE A 398 2.17 1.01 -16.69
CA PHE A 398 0.87 1.12 -16.08
C PHE A 398 0.57 2.56 -15.81
N GLY A 399 -0.71 2.91 -15.74
CA GLY A 399 -1.05 4.31 -15.54
C GLY A 399 -2.32 4.44 -14.74
N SER A 400 -2.76 5.66 -14.61
CA SER A 400 -4.04 5.99 -13.97
C SER A 400 -4.68 7.18 -14.58
N TYR A 401 -6.01 7.24 -14.44
CA TYR A 401 -6.79 8.46 -14.83
C TYR A 401 -7.52 8.92 -13.64
N TRP A 402 -7.55 10.23 -13.44
CA TRP A 402 -8.40 10.91 -12.49
C TRP A 402 -9.60 11.50 -13.28
N ILE A 403 -10.83 11.17 -12.81
CA ILE A 403 -12.10 11.56 -13.46
C ILE A 403 -12.95 12.40 -12.47
N LYS A 404 -13.28 13.63 -12.88
CA LYS A 404 -14.19 14.48 -12.10
C LYS A 404 -15.26 14.98 -13.10
N ASP A 405 -16.52 14.92 -12.67
CA ASP A 405 -17.70 15.44 -13.43
C ASP A 405 -17.80 14.85 -14.83
N GLY A 406 -17.54 13.54 -14.95
CA GLY A 406 -17.51 12.85 -16.26
C GLY A 406 -16.35 13.12 -17.22
N LYS A 407 -15.39 13.98 -16.83
CA LYS A 407 -14.22 14.35 -17.66
C LYS A 407 -12.91 13.72 -17.07
N VAL A 408 -11.93 13.34 -17.91
CA VAL A 408 -10.57 13.01 -17.37
C VAL A 408 -9.87 14.29 -17.06
N LEU A 409 -9.55 14.53 -15.77
CA LEU A 409 -8.73 15.69 -15.36
C LEU A 409 -7.23 15.50 -15.17
N GLY A 410 -6.81 14.27 -14.97
CA GLY A 410 -5.39 14.04 -14.63
C GLY A 410 -5.04 12.69 -15.14
N ALA A 411 -3.76 12.54 -15.53
CA ALA A 411 -3.31 11.27 -16.08
C ALA A 411 -1.85 11.03 -15.68
N PHE A 412 -1.61 9.78 -15.29
CA PHE A 412 -0.29 9.25 -14.85
C PHE A 412 0.09 8.05 -15.67
N LEU A 413 1.35 7.97 -16.05
CA LEU A 413 1.87 6.80 -16.73
C LEU A 413 3.30 6.50 -16.31
N GLU A 414 3.50 5.27 -15.89
CA GLU A 414 4.79 4.75 -15.62
C GLU A 414 5.21 3.90 -16.79
N GLY A 415 6.41 4.15 -17.29
CA GLY A 415 7.03 3.29 -18.31
C GLY A 415 6.54 3.60 -19.74
N GLY A 416 6.02 4.79 -19.98
CA GLY A 416 5.51 5.22 -21.32
C GLY A 416 6.63 5.54 -22.31
N SER A 417 6.38 5.22 -23.56
CA SER A 417 7.18 5.74 -24.68
C SER A 417 6.88 7.22 -24.87
N PRO A 418 7.63 7.91 -25.77
CA PRO A 418 7.33 9.34 -25.94
C PRO A 418 5.97 9.62 -26.54
N ASP A 419 5.54 8.76 -27.48
CA ASP A 419 4.16 8.93 -28.01
C ASP A 419 3.06 8.71 -26.95
N GLU A 420 3.23 7.71 -26.10
CA GLU A 420 2.29 7.45 -24.97
C GLU A 420 2.24 8.60 -23.97
N ASN A 421 3.39 9.17 -23.63
CA ASN A 421 3.46 10.28 -22.71
C ASN A 421 2.79 11.48 -23.30
N LYS A 422 3.03 11.68 -24.62
CA LYS A 422 2.34 12.75 -25.32
C LYS A 422 0.80 12.60 -25.31
N ALA A 423 0.36 11.35 -25.49
CA ALA A 423 -1.03 10.99 -25.54
C ALA A 423 -1.66 11.25 -24.15
N ILE A 424 -1.03 10.85 -23.06
CA ILE A 424 -1.60 11.24 -21.77
C ILE A 424 -1.64 12.73 -21.46
N ALA A 425 -0.65 13.49 -21.95
CA ALA A 425 -0.63 14.91 -21.82
C ALA A 425 -1.82 15.52 -22.56
N LYS A 426 -2.15 14.93 -23.68
CA LYS A 426 -3.27 15.44 -24.49
C LYS A 426 -4.61 15.15 -23.80
N VAL A 427 -4.72 13.97 -23.20
CA VAL A 427 -5.86 13.68 -22.33
C VAL A 427 -6.04 14.78 -21.31
N ALA A 428 -5.00 15.04 -20.53
CA ALA A 428 -5.03 16.05 -19.47
C ALA A 428 -5.36 17.47 -19.95
N LYS A 429 -4.80 17.83 -21.09
CA LYS A 429 -5.04 19.15 -21.64
C LYS A 429 -6.48 19.25 -22.20
N THR A 430 -6.98 18.20 -22.82
CA THR A 430 -8.31 18.26 -23.48
C THR A 430 -9.50 17.81 -22.63
N GLN A 431 -9.25 17.15 -21.50
CA GLN A 431 -10.29 16.67 -20.61
C GLN A 431 -11.45 15.98 -21.30
N PRO A 432 -11.16 14.90 -22.02
CA PRO A 432 -12.23 14.22 -22.75
C PRO A 432 -13.27 13.59 -21.84
N PRO A 433 -14.55 13.55 -22.26
CA PRO A 433 -15.60 12.91 -21.45
C PRO A 433 -15.52 11.39 -21.42
N VAL A 434 -16.03 10.79 -20.35
CA VAL A 434 -16.29 9.35 -20.30
C VAL A 434 -17.62 9.02 -19.61
N GLU A 438 -18.95 4.31 -19.35
CA GLU A 438 -17.77 4.77 -18.66
C GLU A 438 -16.49 3.99 -18.95
N GLU A 439 -16.51 2.86 -19.66
CA GLU A 439 -15.49 1.80 -19.41
C GLU A 439 -13.99 1.94 -19.91
N LEU A 440 -13.31 2.98 -19.39
CA LEU A 440 -11.86 3.24 -19.63
C LEU A 440 -10.99 2.05 -19.35
N LYS A 441 -10.99 1.63 -18.08
CA LYS A 441 -10.19 0.50 -17.60
C LYS A 441 -9.93 -0.54 -18.65
N LYS A 442 -10.98 -0.83 -19.44
CA LYS A 442 -10.93 -1.68 -20.62
C LYS A 442 -9.60 -1.60 -21.34
N GLU A 443 -9.37 -0.50 -22.06
CA GLU A 443 -8.08 -0.39 -22.71
C GLU A 443 -7.50 0.97 -22.48
N GLY A 444 -7.66 1.43 -21.25
CA GLY A 444 -6.98 2.60 -20.73
C GLY A 444 -5.98 3.28 -21.60
N LEU A 445 -4.87 2.65 -21.88
CA LEU A 445 -3.84 3.44 -22.58
C LEU A 445 -4.36 3.79 -23.97
N GLN A 446 -4.99 2.80 -24.63
CA GLN A 446 -5.61 2.99 -25.93
C GLN A 446 -6.52 4.16 -26.01
N PHE A 447 -7.19 4.47 -24.90
CA PHE A 447 -8.04 5.63 -24.83
C PHE A 447 -7.26 6.90 -25.13
N ALA A 448 -6.05 6.98 -24.57
CA ALA A 448 -5.27 8.20 -24.69
C ALA A 448 -4.75 8.23 -26.12
N SER A 449 -4.35 7.08 -26.60
CA SER A 449 -3.75 6.94 -27.93
C SER A 449 -4.71 7.32 -29.05
N LYS A 450 -6.02 7.29 -28.77
CA LYS A 450 -7.06 7.63 -29.76
C LYS A 450 -7.60 9.02 -29.65
N ILE A 451 -7.24 9.78 -28.62
CA ILE A 451 -7.74 11.16 -28.48
C ILE A 451 -7.09 12.14 -29.49
N GLU B 20 -16.21 -54.22 13.88
CA GLU B 20 -16.80 -53.49 12.72
C GLU B 20 -18.15 -52.85 13.05
N LYS B 21 -18.26 -51.53 12.95
CA LYS B 21 -19.49 -50.84 13.37
C LYS B 21 -20.30 -50.49 12.15
N HIS B 22 -21.62 -50.40 12.28
CA HIS B 22 -22.50 -50.09 11.16
C HIS B 22 -23.44 -48.96 11.59
N PHE B 23 -23.56 -47.92 10.76
CA PHE B 23 -24.49 -46.81 11.03
C PHE B 23 -25.29 -46.50 9.81
N LYS B 24 -26.51 -46.01 9.99
CA LYS B 24 -27.24 -45.55 8.85
C LYS B 24 -26.48 -44.30 8.25
N TYR B 25 -26.22 -43.32 9.12
CA TYR B 25 -25.51 -42.07 8.67
C TYR B 25 -24.15 -41.97 9.31
N VAL B 26 -23.14 -41.66 8.47
CA VAL B 26 -21.83 -41.29 8.98
C VAL B 26 -21.27 -39.95 8.45
N ILE B 27 -20.77 -39.13 9.38
CA ILE B 27 -20.11 -37.87 9.00
C ILE B 27 -18.65 -38.10 9.21
N LEU B 28 -17.88 -37.97 8.15
CA LEU B 28 -16.46 -38.12 8.26
C LEU B 28 -15.82 -36.71 8.46
N GLY B 29 -15.20 -36.58 9.63
CA GLY B 29 -14.65 -35.33 10.15
C GLY B 29 -15.49 -34.81 11.29
N GLY B 30 -14.85 -34.15 12.25
CA GLY B 30 -15.57 -33.57 13.40
C GLY B 30 -15.29 -32.10 13.63
N GLY B 31 -15.49 -31.35 12.56
CA GLY B 31 -15.30 -29.89 12.60
C GLY B 31 -16.61 -29.20 12.52
N VAL B 32 -16.57 -27.99 11.97
CA VAL B 32 -17.75 -27.12 12.03
C VAL B 32 -18.97 -27.77 11.29
N ALA B 33 -18.74 -28.24 10.09
CA ALA B 33 -19.79 -28.76 9.26
C ALA B 33 -20.42 -29.99 9.94
N ALA B 34 -19.58 -30.79 10.58
CA ALA B 34 -20.05 -31.99 11.28
C ALA B 34 -20.94 -31.61 12.40
N GLY B 35 -20.52 -30.68 13.25
CA GLY B 35 -21.36 -30.27 14.34
C GLY B 35 -22.68 -29.69 13.90
N TYR B 36 -22.63 -28.79 12.94
CA TYR B 36 -23.86 -28.20 12.42
C TYR B 36 -24.75 -29.27 11.73
N ALA B 37 -24.15 -30.27 11.06
CA ALA B 37 -25.00 -31.31 10.41
C ALA B 37 -25.69 -32.16 11.54
N ALA B 38 -24.95 -32.42 12.61
CA ALA B 38 -25.50 -33.11 13.79
C ALA B 38 -26.67 -32.41 14.38
N ARG B 39 -26.59 -31.10 14.54
CA ARG B 39 -27.68 -30.36 15.08
C ARG B 39 -28.88 -30.49 14.13
N GLU B 40 -28.60 -30.41 12.86
CA GLU B 40 -29.73 -30.47 11.92
C GLU B 40 -30.36 -31.89 11.96
N PHE B 41 -29.52 -32.91 12.08
CA PHE B 41 -30.06 -34.29 12.18
C PHE B 41 -31.02 -34.36 13.39
N ALA B 42 -30.59 -33.80 14.52
CA ALA B 42 -31.44 -33.79 15.73
C ALA B 42 -32.77 -33.10 15.49
N LYS B 43 -32.72 -31.97 14.80
CA LYS B 43 -33.91 -31.22 14.41
C LYS B 43 -34.87 -32.01 13.49
N GLN B 44 -34.29 -32.81 12.58
CA GLN B 44 -35.03 -33.67 11.65
C GLN B 44 -35.37 -35.06 12.26
N GLY B 45 -35.27 -35.20 13.57
CA GLY B 45 -35.62 -36.43 14.26
C GLY B 45 -34.71 -37.65 14.14
N VAL B 46 -33.42 -37.48 14.02
CA VAL B 46 -32.50 -38.64 14.03
C VAL B 46 -32.74 -39.47 15.31
N LYS B 47 -32.66 -40.77 15.15
CA LYS B 47 -32.84 -41.69 16.26
C LYS B 47 -31.55 -42.23 16.86
N PRO B 48 -31.53 -42.50 18.20
CA PRO B 48 -30.33 -43.04 18.83
C PRO B 48 -29.85 -44.25 18.06
N GLY B 49 -28.53 -44.36 17.89
CA GLY B 49 -27.90 -45.38 17.01
C GLY B 49 -27.71 -45.14 15.51
N GLU B 50 -28.43 -44.24 14.89
CA GLU B 50 -28.34 -44.12 13.44
C GLU B 50 -27.10 -43.37 12.96
N LEU B 51 -26.66 -42.39 13.75
CA LEU B 51 -25.62 -41.42 13.27
C LEU B 51 -24.32 -41.56 14.06
N ALA B 52 -23.19 -41.62 13.36
CA ALA B 52 -21.85 -41.45 13.95
C ALA B 52 -21.08 -40.27 13.26
N ILE B 53 -20.25 -39.66 14.07
CA ILE B 53 -19.22 -38.68 13.60
C ILE B 53 -17.90 -39.30 13.93
N ILE B 54 -17.04 -39.43 12.94
CA ILE B 54 -15.73 -39.93 13.16
C ILE B 54 -14.72 -38.78 12.93
N SER B 55 -13.91 -38.50 13.91
CA SER B 55 -12.94 -37.40 13.84
C SER B 55 -11.56 -37.85 14.31
N LYS B 56 -10.53 -37.32 13.65
CA LYS B 56 -9.18 -37.55 14.13
C LYS B 56 -8.84 -36.67 15.32
N GLU B 57 -9.66 -35.66 15.62
CA GLU B 57 -9.39 -34.82 16.78
C GLU B 57 -9.82 -35.54 18.08
N ALA B 58 -9.32 -35.08 19.21
CA ALA B 58 -9.64 -35.69 20.54
C ALA B 58 -10.89 -35.10 21.21
N VAL B 59 -11.53 -34.14 20.56
CA VAL B 59 -12.62 -33.40 21.13
C VAL B 59 -13.80 -33.33 20.18
N ALA B 60 -14.96 -33.04 20.74
CA ALA B 60 -16.18 -32.82 19.95
C ALA B 60 -16.10 -31.54 19.14
N PRO B 61 -16.92 -31.45 18.08
CA PRO B 61 -16.84 -30.35 17.16
C PRO B 61 -16.89 -29.00 17.85
N TYR B 62 -16.05 -28.09 17.36
CA TYR B 62 -15.96 -26.75 17.95
C TYR B 62 -15.89 -25.67 16.89
N GLU B 63 -16.08 -24.44 17.35
CA GLU B 63 -16.14 -23.25 16.44
C GLU B 63 -14.67 -22.89 16.17
N ARG B 64 -14.17 -23.46 15.07
CA ARG B 64 -12.76 -23.29 14.65
C ARG B 64 -12.33 -21.81 14.63
N PRO B 65 -13.22 -20.88 14.22
CA PRO B 65 -12.75 -19.45 14.19
C PRO B 65 -12.21 -18.92 15.50
N ALA B 66 -12.61 -19.53 16.61
CA ALA B 66 -12.07 -19.11 17.87
C ALA B 66 -10.58 -19.28 18.02
N LEU B 67 -9.98 -20.22 17.28
CA LEU B 67 -8.61 -20.60 17.53
C LEU B 67 -7.65 -19.45 17.26
N SER B 68 -8.01 -18.60 16.36
CA SER B 68 -7.14 -17.45 15.93
C SER B 68 -7.51 -16.13 16.60
N LYS B 69 -8.54 -16.17 17.43
CA LYS B 69 -9.06 -14.97 18.09
C LYS B 69 -9.06 -15.14 19.60
N GLY B 70 -10.19 -15.61 20.15
CA GLY B 70 -10.37 -15.81 21.60
C GLY B 70 -9.38 -16.66 22.29
N TYR B 71 -8.95 -17.73 21.59
CA TYR B 71 -8.08 -18.70 22.13
C TYR B 71 -6.78 -18.12 22.54
N LEU B 72 -6.40 -17.01 21.89
CA LEU B 72 -5.06 -16.47 22.02
C LEU B 72 -4.98 -15.25 22.91
N PHE B 73 -6.10 -14.78 23.50
CA PHE B 73 -6.01 -13.70 24.48
C PHE B 73 -5.10 -14.07 25.62
N PRO B 74 -4.34 -13.12 26.10
CA PRO B 74 -3.46 -13.52 27.21
C PRO B 74 -4.26 -13.69 28.56
N GLN B 75 -5.40 -13.06 28.67
CA GLN B 75 -6.29 -13.27 29.84
C GLN B 75 -7.68 -13.51 29.36
N ASN B 76 -8.42 -14.31 30.13
CA ASN B 76 -9.78 -14.69 29.78
C ASN B 76 -9.95 -15.16 28.37
N ALA B 77 -9.12 -16.10 28.03
CA ALA B 77 -9.11 -16.74 26.69
C ALA B 77 -10.23 -17.75 26.56
N ALA B 78 -10.66 -18.00 25.33
CA ALA B 78 -11.58 -19.04 24.94
C ALA B 78 -10.92 -20.40 25.13
N ARG B 79 -11.63 -21.33 25.75
CA ARG B 79 -11.09 -22.67 25.97
C ARG B 79 -12.26 -23.64 25.81
N LEU B 80 -11.96 -24.86 25.41
CA LEU B 80 -12.97 -25.89 25.33
C LEU B 80 -13.25 -26.25 26.80
N PRO B 81 -14.50 -26.50 27.17
CA PRO B 81 -15.65 -26.76 26.27
C PRO B 81 -16.44 -25.53 25.92
N GLY B 82 -15.91 -24.36 26.22
CA GLY B 82 -16.64 -23.12 25.99
C GLY B 82 -17.17 -22.95 24.56
N PHE B 83 -16.27 -23.19 23.59
CA PHE B 83 -16.55 -22.90 22.18
C PHE B 83 -16.90 -24.08 21.29
N HIS B 84 -17.51 -25.12 21.87
CA HIS B 84 -18.15 -26.11 21.02
C HIS B 84 -19.20 -25.50 20.16
N VAL B 85 -19.46 -26.10 19.01
CA VAL B 85 -20.56 -25.67 18.20
C VAL B 85 -21.81 -25.79 19.11
N CYS B 86 -22.86 -24.99 18.93
CA CYS B 86 -23.03 -24.05 17.82
C CYS B 86 -23.02 -22.60 18.32
N VAL B 87 -22.25 -22.34 19.36
CA VAL B 87 -22.18 -21.01 20.01
C VAL B 87 -21.76 -19.89 19.11
N GLY B 88 -21.02 -20.23 18.06
CA GLY B 88 -20.47 -19.19 17.17
C GLY B 88 -21.52 -18.56 16.30
N SER B 89 -22.67 -19.21 16.17
CA SER B 89 -23.80 -18.62 15.47
C SER B 89 -24.91 -18.29 16.47
N GLY B 90 -24.59 -18.21 17.75
CA GLY B 90 -25.65 -18.05 18.77
C GLY B 90 -26.55 -19.27 19.04
N GLY B 91 -26.14 -20.43 18.52
CA GLY B 91 -26.83 -21.70 18.78
C GLY B 91 -26.39 -22.32 20.10
N GLU B 92 -27.13 -23.37 20.49
CA GLU B 92 -26.88 -24.17 21.70
C GLU B 92 -25.52 -24.87 21.66
N ARG B 93 -24.87 -24.94 22.82
CA ARG B 93 -23.61 -25.66 22.98
C ARG B 93 -23.83 -27.18 22.92
N LEU B 94 -23.24 -27.81 21.91
CA LEU B 94 -23.24 -29.25 21.73
C LEU B 94 -22.04 -29.79 22.43
N LEU B 95 -22.21 -30.05 23.74
CA LEU B 95 -21.21 -30.71 24.54
C LEU B 95 -21.16 -32.24 24.23
N PRO B 96 -20.09 -32.92 24.63
CA PRO B 96 -20.10 -34.37 24.45
C PRO B 96 -21.36 -35.12 25.04
N GLU B 97 -21.90 -34.68 26.18
CA GLU B 97 -23.16 -35.22 26.75
C GLU B 97 -24.35 -34.99 25.88
N TRP B 98 -24.40 -33.92 25.10
CA TRP B 98 -25.46 -33.75 24.16
C TRP B 98 -25.52 -34.92 23.16
N TYR B 99 -24.34 -35.38 22.66
CA TYR B 99 -24.30 -36.35 21.58
C TYR B 99 -24.73 -37.73 22.17
N SER B 100 -24.21 -38.05 23.35
CA SER B 100 -24.61 -39.26 24.12
C SER B 100 -26.14 -39.27 24.44
N GLU B 101 -26.68 -38.22 25.02
CA GLU B 101 -28.14 -38.12 25.16
C GLU B 101 -28.93 -38.42 23.94
N LYS B 102 -28.54 -37.86 22.80
CA LYS B 102 -29.21 -38.10 21.51
C LYS B 102 -28.84 -39.45 20.92
N GLY B 103 -27.90 -40.17 21.52
CA GLY B 103 -27.35 -41.37 20.92
C GLY B 103 -26.67 -41.21 19.56
N ILE B 104 -25.94 -40.10 19.41
CA ILE B 104 -25.03 -39.83 18.29
C ILE B 104 -23.64 -40.25 18.75
N GLU B 105 -23.03 -41.19 18.05
CA GLU B 105 -21.75 -41.73 18.48
C GLU B 105 -20.63 -40.84 17.97
N LEU B 106 -19.89 -40.23 18.89
CA LEU B 106 -18.69 -39.51 18.55
C LEU B 106 -17.62 -40.50 18.67
N ILE B 107 -16.93 -40.76 17.57
CA ILE B 107 -15.79 -41.62 17.54
C ILE B 107 -14.57 -40.73 17.29
N LEU B 108 -13.84 -40.45 18.39
CA LEU B 108 -12.78 -39.47 18.48
C LEU B 108 -11.44 -40.13 18.41
N SER B 109 -10.42 -39.30 18.21
CA SER B 109 -9.04 -39.67 17.94
C SER B 109 -8.93 -40.82 16.96
N THR B 110 -9.70 -40.77 15.88
CA THR B 110 -9.75 -41.87 14.90
C THR B 110 -9.53 -41.32 13.52
N GLU B 111 -8.39 -41.66 12.95
CA GLU B 111 -8.06 -41.19 11.64
C GLU B 111 -8.43 -42.22 10.58
N ILE B 112 -9.34 -41.85 9.68
CA ILE B 112 -9.68 -42.72 8.56
C ILE B 112 -8.59 -42.59 7.54
N VAL B 113 -7.98 -43.73 7.22
CA VAL B 113 -6.93 -43.78 6.21
C VAL B 113 -7.36 -44.47 4.91
N LYS B 114 -8.53 -45.08 4.89
CA LYS B 114 -9.08 -45.60 3.62
C LYS B 114 -10.56 -45.48 3.59
N ALA B 115 -11.06 -45.05 2.45
CA ALA B 115 -12.48 -44.98 2.18
C ALA B 115 -12.83 -45.74 0.90
N ASP B 116 -13.71 -46.73 1.01
CA ASP B 116 -14.14 -47.49 -0.16
C ASP B 116 -15.61 -47.22 -0.41
N LEU B 117 -15.87 -46.34 -1.37
CA LEU B 117 -17.22 -45.92 -1.62
C LEU B 117 -18.13 -47.03 -2.19
N ALA B 118 -17.57 -47.91 -3.02
CA ALA B 118 -18.29 -49.05 -3.61
C ALA B 118 -18.79 -50.01 -2.53
N SER B 119 -17.95 -50.29 -1.54
CA SER B 119 -18.34 -51.12 -0.40
C SER B 119 -18.87 -50.34 0.82
N LYS B 120 -18.95 -49.01 0.76
CA LYS B 120 -19.43 -48.22 1.89
C LYS B 120 -18.70 -48.55 3.18
N THR B 121 -17.38 -48.63 3.08
CA THR B 121 -16.55 -49.03 4.19
C THR B 121 -15.42 -48.03 4.43
N LEU B 122 -15.33 -47.57 5.69
CA LEU B 122 -14.25 -46.69 6.08
C LEU B 122 -13.33 -47.49 6.95
N THR B 123 -12.03 -47.27 6.76
CA THR B 123 -11.01 -47.91 7.58
C THR B 123 -10.08 -46.97 8.37
N SER B 124 -10.04 -47.19 9.67
CA SER B 124 -9.22 -46.41 10.59
C SER B 124 -7.72 -46.70 10.43
N ALA B 125 -6.86 -45.82 10.92
CA ALA B 125 -5.40 -46.06 10.91
C ALA B 125 -4.95 -47.33 11.67
N VAL B 126 -5.60 -47.65 12.77
CA VAL B 126 -5.33 -48.89 13.50
C VAL B 126 -6.10 -50.10 12.86
N GLY B 127 -6.72 -49.90 11.68
CA GLY B 127 -7.41 -50.96 10.94
C GLY B 127 -8.86 -51.27 11.29
N ALA B 128 -9.51 -50.57 12.24
CA ALA B 128 -10.94 -50.81 12.51
C ALA B 128 -11.81 -50.28 11.39
N THR B 129 -13.06 -50.72 11.38
CA THR B 129 -13.83 -50.59 10.18
C THR B 129 -15.26 -50.13 10.49
N PHE B 130 -15.86 -49.38 9.55
CA PHE B 130 -17.18 -48.72 9.80
C PHE B 130 -17.93 -48.70 8.49
N THR B 131 -19.24 -48.95 8.55
CA THR B 131 -20.09 -48.96 7.39
C THR B 131 -21.12 -47.91 7.53
N TYR B 132 -21.61 -47.45 6.39
CA TYR B 132 -22.69 -46.49 6.31
C TYR B 132 -23.63 -46.81 5.18
N GLU B 133 -24.80 -46.23 5.28
CA GLU B 133 -25.69 -46.07 4.15
C GLU B 133 -25.49 -44.69 3.45
N ILE B 134 -25.34 -43.65 4.25
CA ILE B 134 -25.25 -42.24 3.79
C ILE B 134 -23.99 -41.73 4.40
N LEU B 135 -23.15 -41.09 3.58
CA LEU B 135 -21.87 -40.56 4.03
C LEU B 135 -21.87 -39.08 3.78
N ILE B 136 -21.50 -38.30 4.80
CA ILE B 136 -21.22 -36.84 4.60
C ILE B 136 -19.77 -36.64 4.78
N ILE B 137 -19.10 -36.19 3.72
CA ILE B 137 -17.70 -35.92 3.77
C ILE B 137 -17.51 -34.49 4.28
N ALA B 138 -16.85 -34.36 5.41
CA ALA B 138 -16.70 -33.05 6.09
C ALA B 138 -15.27 -32.99 6.71
N THR B 139 -14.27 -33.28 5.89
CA THR B 139 -12.88 -33.39 6.27
C THR B 139 -12.10 -32.07 6.21
N GLY B 140 -12.72 -31.03 5.72
CA GLY B 140 -12.11 -29.69 5.84
C GLY B 140 -10.87 -29.55 4.98
N SER B 141 -9.94 -28.74 5.45
CA SER B 141 -8.74 -28.35 4.75
C SER B 141 -7.53 -28.65 5.57
N SER B 142 -6.45 -28.96 4.85
CA SER B 142 -5.11 -28.99 5.42
C SER B 142 -4.59 -27.55 5.67
N VAL B 143 -3.53 -27.43 6.48
CA VAL B 143 -2.76 -26.23 6.52
C VAL B 143 -1.52 -26.49 5.67
N ILE B 144 -1.24 -25.61 4.72
CA ILE B 144 -0.05 -25.72 3.87
C ILE B 144 1.16 -25.26 4.66
N LYS B 145 2.19 -26.10 4.66
CA LYS B 145 3.38 -25.84 5.47
C LYS B 145 4.58 -25.57 4.59
N LEU B 146 5.48 -24.71 5.07
CA LEU B 146 6.71 -24.43 4.26
C LEU B 146 7.61 -25.71 4.13
N SER B 147 7.48 -26.64 5.07
CA SER B 147 8.16 -27.92 5.00
C SER B 147 7.59 -28.73 3.85
N ASP B 148 6.32 -28.51 3.45
CA ASP B 148 5.72 -29.17 2.27
C ASP B 148 6.46 -28.72 1.02
N PHE B 149 6.92 -27.47 1.01
CA PHE B 149 7.61 -26.90 -0.11
C PHE B 149 9.10 -27.32 -0.17
N GLY B 150 9.61 -27.81 0.91
CA GLY B 150 11.01 -28.16 1.13
C GLY B 150 11.97 -27.02 1.35
N THR B 151 11.41 -25.87 1.76
CA THR B 151 12.14 -24.64 2.00
C THR B 151 13.16 -24.93 3.04
N GLN B 152 14.39 -24.51 2.76
CA GLN B 152 15.51 -24.69 3.70
C GLN B 152 15.20 -24.12 5.11
N GLY B 153 15.42 -24.91 6.11
CA GLY B 153 15.20 -24.50 7.46
C GLY B 153 13.77 -24.57 7.94
N ALA B 154 12.84 -24.93 7.08
CA ALA B 154 11.42 -24.89 7.45
C ALA B 154 10.96 -25.89 8.46
N ASP B 155 11.78 -26.90 8.69
CA ASP B 155 11.59 -27.88 9.75
C ASP B 155 12.04 -27.37 11.11
N SER B 156 12.53 -26.14 11.22
CA SER B 156 12.99 -25.68 12.53
C SER B 156 11.83 -25.65 13.50
N ASN B 157 12.12 -25.90 14.76
CA ASN B 157 11.17 -25.79 15.84
C ASN B 157 10.71 -24.33 15.98
N ASN B 158 9.47 -24.14 16.41
CA ASN B 158 8.86 -22.83 16.63
C ASN B 158 8.55 -22.10 15.33
N ILE B 159 8.49 -22.85 14.24
CA ILE B 159 7.79 -22.42 13.06
C ILE B 159 6.44 -23.10 13.15
N LEU B 160 5.41 -22.30 13.30
CA LEU B 160 4.09 -22.79 13.72
C LEU B 160 3.00 -22.49 12.78
N TYR B 161 1.98 -23.36 12.83
CA TYR B 161 0.85 -23.29 11.98
C TYR B 161 -0.41 -23.38 12.87
N LEU B 162 -1.50 -22.93 12.32
CA LEU B 162 -2.77 -22.98 13.02
C LEU B 162 -3.94 -23.47 12.17
N ARG B 163 -4.34 -24.70 12.48
CA ARG B 163 -5.57 -25.24 11.94
C ARG B 163 -6.48 -25.74 13.05
N GLU B 164 -5.93 -26.53 13.97
CA GLU B 164 -6.74 -27.25 14.91
C GLU B 164 -6.37 -26.91 16.30
N VAL B 165 -7.20 -27.35 17.27
CA VAL B 165 -7.02 -26.96 18.66
C VAL B 165 -5.70 -27.42 19.23
N ASP B 166 -5.23 -28.62 18.82
CA ASP B 166 -3.89 -29.01 19.20
C ASP B 166 -2.73 -28.07 18.71
N ASP B 167 -2.85 -27.55 17.50
CA ASP B 167 -1.95 -26.43 16.97
C ASP B 167 -2.06 -25.19 17.82
N ALA B 168 -3.29 -24.85 18.21
CA ALA B 168 -3.51 -23.72 19.10
C ALA B 168 -2.82 -23.83 20.45
N ASP B 169 -2.87 -25.00 21.03
CA ASP B 169 -2.21 -25.25 22.30
C ASP B 169 -0.70 -25.15 22.13
N LYS B 170 -0.21 -25.60 20.99
CA LYS B 170 1.23 -25.52 20.71
C LYS B 170 1.64 -24.05 20.61
N LEU B 171 0.82 -23.23 19.98
CA LEU B 171 1.14 -21.82 19.86
C LEU B 171 1.05 -21.11 21.17
N VAL B 172 -0.01 -21.36 21.93
CA VAL B 172 -0.15 -20.72 23.24
C VAL B 172 1.12 -20.99 24.08
N ALA B 173 1.54 -22.23 24.00
CA ALA B 173 2.71 -22.66 24.76
C ALA B 173 3.94 -21.93 24.31
N ALA B 174 4.08 -21.75 23.01
CA ALA B 174 5.24 -21.06 22.47
C ALA B 174 5.21 -19.58 22.80
N ILE B 175 4.01 -19.00 22.79
CA ILE B 175 3.84 -17.64 23.24
C ILE B 175 4.33 -17.43 24.70
N GLN B 176 4.03 -18.39 25.58
CA GLN B 176 4.54 -18.36 26.97
C GLN B 176 6.05 -18.47 27.02
N ALA B 177 6.57 -19.43 26.31
CA ALA B 177 8.01 -19.76 26.39
C ALA B 177 8.86 -18.64 25.82
N LYS B 178 8.39 -17.98 24.76
CA LYS B 178 9.16 -16.87 24.11
C LYS B 178 8.73 -15.50 24.48
N LYS B 179 8.04 -15.40 25.62
CA LYS B 179 7.42 -14.16 26.06
C LYS B 179 8.30 -12.93 25.91
N GLY B 180 7.75 -11.85 25.39
CA GLY B 180 8.50 -10.65 25.09
C GLY B 180 9.47 -10.65 23.90
N GLY B 181 9.46 -11.69 23.06
CA GLY B 181 10.38 -11.83 21.95
C GLY B 181 9.86 -11.34 20.62
N LYS B 182 10.46 -11.85 19.56
CA LYS B 182 10.15 -11.38 18.20
C LYS B 182 9.41 -12.44 17.48
N ALA B 183 8.33 -12.02 16.82
CA ALA B 183 7.60 -12.89 15.96
C ALA B 183 7.60 -12.43 14.57
N VAL B 184 7.74 -13.40 13.66
CA VAL B 184 7.52 -13.15 12.23
C VAL B 184 6.29 -13.93 11.76
N ILE B 185 5.37 -13.19 11.13
CA ILE B 185 4.18 -13.71 10.52
C ILE B 185 4.39 -13.76 9.02
N VAL B 186 4.29 -14.95 8.46
CA VAL B 186 4.49 -15.14 6.99
C VAL B 186 3.13 -15.36 6.37
N GLY B 187 2.70 -14.41 5.56
CA GLY B 187 1.43 -14.41 4.78
C GLY B 187 0.61 -13.21 5.15
N GLY B 188 -0.21 -12.73 4.22
CA GLY B 188 -1.01 -11.58 4.41
C GLY B 188 -2.46 -11.80 4.15
N GLY B 189 -2.89 -13.09 4.29
CA GLY B 189 -4.25 -13.46 4.22
C GLY B 189 -4.93 -13.38 5.61
N TYR B 190 -5.95 -14.20 5.78
CA TYR B 190 -6.73 -14.19 7.01
C TYR B 190 -5.93 -14.54 8.24
N ILE B 191 -5.12 -15.60 8.16
CA ILE B 191 -4.25 -16.02 9.28
C ILE B 191 -3.26 -14.94 9.61
N GLY B 192 -2.62 -14.41 8.57
CA GLY B 192 -1.69 -13.30 8.74
C GLY B 192 -2.26 -12.15 9.50
N LEU B 193 -3.40 -11.65 9.05
CA LEU B 193 -4.00 -10.50 9.70
C LEU B 193 -4.43 -10.83 11.14
N GLU B 194 -5.00 -12.02 11.36
CA GLU B 194 -5.49 -12.34 12.70
C GLU B 194 -4.37 -12.66 13.66
N LEU B 195 -3.37 -13.37 13.17
CA LEU B 195 -2.26 -13.76 14.02
C LEU B 195 -1.28 -12.66 14.26
N SER B 196 -1.10 -11.72 13.33
CA SER B 196 -0.22 -10.62 13.66
C SER B 196 -0.79 -9.79 14.82
N ALA B 197 -2.10 -9.59 14.85
CA ALA B 197 -2.75 -8.89 15.98
C ALA B 197 -2.62 -9.73 17.22
N ALA B 198 -2.83 -11.03 17.11
CA ALA B 198 -2.76 -11.88 18.33
C ALA B 198 -1.38 -11.85 18.98
N LEU B 199 -0.32 -11.89 18.14
CA LEU B 199 0.98 -11.84 18.67
C LEU B 199 1.29 -10.45 19.30
N LYS B 200 0.81 -9.42 18.68
CA LYS B 200 1.10 -8.07 19.19
C LYS B 200 0.40 -7.90 20.59
N ILE B 201 -0.84 -8.37 20.72
CA ILE B 201 -1.57 -8.18 22.02
C ILE B 201 -0.99 -9.11 23.09
N ASN B 202 -0.24 -10.11 22.65
CA ASN B 202 0.57 -10.86 23.58
C ASN B 202 2.00 -10.32 23.83
N ASP B 203 2.25 -9.08 23.50
CA ASP B 203 3.50 -8.43 23.79
C ASP B 203 4.78 -8.91 23.01
N PHE B 204 4.60 -9.34 21.76
CA PHE B 204 5.74 -9.56 20.88
C PHE B 204 5.97 -8.34 19.98
N ASP B 205 7.21 -8.21 19.55
CA ASP B 205 7.65 -7.39 18.44
C ASP B 205 7.23 -8.20 17.20
N VAL B 206 6.42 -7.64 16.34
CA VAL B 206 5.79 -8.42 15.24
C VAL B 206 6.08 -7.83 13.90
N THR B 207 6.58 -8.68 12.97
CA THR B 207 6.72 -8.30 11.56
C THR B 207 5.95 -9.26 10.71
N MET B 208 5.12 -8.75 9.79
CA MET B 208 4.38 -9.58 8.86
C MET B 208 4.98 -9.36 7.48
N VAL B 209 5.19 -10.43 6.74
CA VAL B 209 5.82 -10.36 5.44
C VAL B 209 5.02 -11.15 4.40
N PHE B 210 4.77 -10.55 3.22
CA PHE B 210 4.05 -11.24 2.16
C PHE B 210 4.36 -10.66 0.81
N PRO B 211 4.12 -11.44 -0.26
CA PRO B 211 4.63 -11.04 -1.58
C PRO B 211 3.69 -10.13 -2.29
N GLU B 212 2.40 -10.10 -1.92
CA GLU B 212 1.48 -9.26 -2.63
C GLU B 212 1.69 -7.77 -2.29
N PRO B 213 1.09 -6.88 -3.09
CA PRO B 213 1.47 -5.42 -2.87
C PRO B 213 0.62 -4.82 -1.74
N TRP B 214 -0.44 -5.53 -1.29
CA TRP B 214 -1.15 -5.15 -0.09
C TRP B 214 -1.85 -6.35 0.49
N CYS B 215 -2.22 -6.25 1.77
CA CYS B 215 -2.85 -7.43 2.40
C CYS B 215 -4.23 -7.82 1.89
N MET B 216 -4.60 -9.08 2.17
CA MET B 216 -5.92 -9.65 1.71
C MET B 216 -6.17 -9.35 0.24
N PRO B 217 -5.16 -9.75 -0.57
CA PRO B 217 -5.21 -9.56 -1.98
C PRO B 217 -6.46 -10.25 -2.61
N ARG B 218 -6.95 -11.39 -2.09
CA ARG B 218 -8.16 -12.01 -2.71
C ARG B 218 -9.44 -11.19 -2.47
N LEU B 219 -9.41 -10.16 -1.62
CA LEU B 219 -10.60 -9.35 -1.36
C LEU B 219 -10.41 -7.85 -1.23
N PHE B 220 -9.42 -7.41 -0.47
CA PHE B 220 -9.29 -6.01 -0.17
C PHE B 220 -8.72 -5.30 -1.40
N THR B 221 -9.16 -4.08 -1.59
CA THR B 221 -8.57 -3.16 -2.56
C THR B 221 -7.46 -2.50 -1.88
N ALA B 222 -6.65 -1.77 -2.64
CA ALA B 222 -5.49 -1.12 -2.09
C ALA B 222 -5.96 -0.08 -1.07
N ASP B 223 -7.13 0.52 -1.28
CA ASP B 223 -7.54 1.54 -0.32
C ASP B 223 -8.09 0.94 0.95
N ILE B 224 -8.79 -0.15 0.82
CA ILE B 224 -9.26 -0.89 2.03
C ILE B 224 -8.07 -1.37 2.81
N ALA B 225 -7.12 -2.05 2.13
CA ALA B 225 -5.88 -2.51 2.76
C ALA B 225 -5.11 -1.44 3.44
N ALA B 226 -5.05 -0.24 2.86
CA ALA B 226 -4.23 0.79 3.45
C ALA B 226 -4.73 1.21 4.85
N PHE B 227 -6.04 1.19 5.04
CA PHE B 227 -6.61 1.42 6.41
C PHE B 227 -6.05 0.39 7.36
N TYR B 228 -6.15 -0.92 7.00
CA TYR B 228 -5.73 -1.96 7.97
C TYR B 228 -4.23 -1.93 8.19
N GLU B 229 -3.47 -1.70 7.11
CA GLU B 229 -2.03 -1.62 7.28
C GLU B 229 -1.57 -0.44 8.16
N SER B 230 -2.17 0.70 7.98
CA SER B 230 -1.86 1.86 8.83
C SER B 230 -2.27 1.61 10.28
N TYR B 231 -3.43 0.97 10.44
CA TYR B 231 -3.95 0.72 11.83
C TYR B 231 -3.06 -0.24 12.53
N TYR B 232 -2.69 -1.30 11.83
CA TYR B 232 -1.71 -2.21 12.34
C TYR B 232 -0.36 -1.65 12.63
N THR B 233 0.14 -0.82 11.70
CA THR B 233 1.44 -0.15 11.95
C THR B 233 1.39 0.73 13.18
N ASN B 234 0.31 1.46 13.36
CA ASN B 234 0.08 2.24 14.62
C ASN B 234 0.08 1.41 15.86
N LYS B 235 -0.40 0.16 15.79
CA LYS B 235 -0.36 -0.75 16.89
C LYS B 235 1.01 -1.34 17.11
N GLY B 236 1.92 -1.11 16.22
CA GLY B 236 3.25 -1.61 16.39
C GLY B 236 3.64 -2.76 15.43
N VAL B 237 2.75 -3.17 14.55
CA VAL B 237 3.07 -4.32 13.63
C VAL B 237 3.84 -3.72 12.43
N LYS B 238 5.00 -4.26 12.14
CA LYS B 238 5.78 -3.88 10.93
C LYS B 238 5.40 -4.74 9.77
N ILE B 239 5.11 -4.15 8.65
CA ILE B 239 4.57 -4.86 7.51
C ILE B 239 5.54 -4.75 6.32
N VAL B 240 6.01 -5.88 5.83
CA VAL B 240 6.95 -5.95 4.67
C VAL B 240 6.25 -6.58 3.45
N LYS B 241 6.11 -5.81 2.38
CA LYS B 241 5.30 -6.19 1.25
C LYS B 241 6.17 -6.23 0.02
N GLY B 242 6.04 -7.32 -0.73
CA GLY B 242 6.80 -7.48 -1.95
C GLY B 242 7.93 -8.50 -1.87
N THR B 243 7.94 -9.36 -0.88
CA THR B 243 9.00 -10.41 -0.81
C THR B 243 8.43 -11.65 -0.07
N VAL B 244 9.22 -12.69 0.06
CA VAL B 244 8.79 -13.94 0.66
C VAL B 244 9.93 -14.49 1.47
N ALA B 245 9.67 -15.47 2.31
CA ALA B 245 10.74 -16.15 3.03
C ALA B 245 11.31 -17.22 2.11
N VAL B 246 12.61 -17.32 2.09
CA VAL B 246 13.32 -18.35 1.34
C VAL B 246 14.21 -19.22 2.18
N GLY B 247 14.27 -18.96 3.47
CA GLY B 247 15.05 -19.79 4.34
C GLY B 247 14.95 -19.35 5.77
N PHE B 248 15.45 -20.18 6.66
CA PHE B 248 15.41 -19.92 8.11
C PHE B 248 16.73 -20.35 8.70
N ASP B 249 17.28 -19.54 9.55
CA ASP B 249 18.36 -19.98 10.41
C ASP B 249 17.90 -20.62 11.68
N ALA B 250 18.70 -21.53 12.24
CA ALA B 250 18.30 -22.19 13.46
C ALA B 250 19.49 -22.38 14.33
N ASP B 251 19.25 -22.52 15.63
CA ASP B 251 20.31 -22.75 16.61
C ASP B 251 20.62 -24.23 16.80
N ALA B 252 21.51 -24.55 17.74
CA ALA B 252 22.00 -25.93 17.92
C ALA B 252 20.89 -26.86 18.31
N ASN B 253 19.87 -26.30 18.97
CA ASN B 253 18.67 -27.06 19.32
C ASN B 253 17.65 -27.30 18.22
N GLY B 254 17.91 -26.77 17.05
CA GLY B 254 16.96 -26.83 15.95
C GLY B 254 15.87 -25.75 15.97
N ASP B 255 15.96 -24.80 16.93
CA ASP B 255 14.99 -23.71 17.12
C ASP B 255 15.24 -22.53 16.18
N VAL B 256 14.19 -22.03 15.56
CA VAL B 256 14.34 -20.94 14.63
C VAL B 256 14.98 -19.74 15.27
N THR B 257 15.86 -19.02 14.52
CA THR B 257 16.44 -17.78 14.99
C THR B 257 16.28 -16.59 14.03
N ALA B 258 16.05 -16.85 12.77
CA ALA B 258 15.92 -15.79 11.74
C ALA B 258 15.24 -16.32 10.55
N VAL B 259 14.54 -15.42 9.85
CA VAL B 259 13.89 -15.69 8.62
C VAL B 259 14.68 -14.93 7.57
N ASN B 260 15.10 -15.62 6.54
CA ASN B 260 15.78 -14.96 5.42
C ASN B 260 14.81 -14.70 4.27
N LEU B 261 14.74 -13.45 3.79
CA LEU B 261 13.87 -13.08 2.70
C LEU B 261 14.50 -13.08 1.31
N LYS B 262 13.67 -13.21 0.27
CA LYS B 262 14.14 -13.29 -1.11
C LYS B 262 14.88 -12.03 -1.48
N ASN B 263 14.50 -10.90 -0.89
CA ASN B 263 15.16 -9.65 -1.27
C ASN B 263 16.51 -9.43 -0.58
N GLY B 264 16.87 -10.37 0.29
CA GLY B 264 18.12 -10.36 1.01
C GLY B 264 18.08 -9.87 2.37
N SER B 265 16.92 -9.37 2.82
CA SER B 265 16.76 -8.91 4.22
C SER B 265 16.70 -10.10 5.13
N VAL B 266 17.06 -9.90 6.40
CA VAL B 266 16.94 -10.95 7.37
C VAL B 266 16.07 -10.40 8.51
N LEU B 267 15.11 -11.18 8.98
CA LEU B 267 14.29 -10.79 10.19
C LEU B 267 14.62 -11.72 11.35
N GLU B 268 15.07 -11.18 12.51
CA GLU B 268 15.24 -12.01 13.69
C GLU B 268 13.89 -12.54 14.18
N ALA B 269 13.87 -13.77 14.70
CA ALA B 269 12.62 -14.43 15.09
C ALA B 269 12.81 -15.45 16.17
N ASP B 270 11.99 -15.34 17.22
CA ASP B 270 11.80 -16.43 18.21
C ASP B 270 10.67 -17.37 17.89
N ILE B 271 9.62 -16.82 17.27
CA ILE B 271 8.51 -17.58 16.75
C ILE B 271 8.23 -17.13 15.38
N VAL B 272 7.95 -18.10 14.52
CA VAL B 272 7.42 -17.81 13.20
C VAL B 272 6.03 -18.42 13.13
N VAL B 273 5.02 -17.65 12.69
CA VAL B 273 3.74 -18.17 12.41
C VAL B 273 3.46 -18.02 10.94
N VAL B 274 3.07 -19.09 10.31
CA VAL B 274 2.93 -19.12 8.93
C VAL B 274 1.47 -19.31 8.47
N GLY B 275 1.01 -18.49 7.57
CA GLY B 275 -0.33 -18.59 7.02
C GLY B 275 -0.27 -18.40 5.58
N VAL B 276 -0.14 -19.52 4.84
CA VAL B 276 -0.02 -19.41 3.43
C VAL B 276 -1.04 -20.17 2.66
N GLY B 277 -2.19 -20.48 3.29
CA GLY B 277 -3.29 -21.11 2.63
C GLY B 277 -3.54 -22.54 3.16
N GLY B 278 -4.67 -23.03 2.71
CA GLY B 278 -5.11 -24.36 3.06
C GLY B 278 -5.58 -25.00 1.77
N ARG B 279 -5.71 -26.32 1.82
CA ARG B 279 -6.23 -27.10 0.69
C ARG B 279 -7.23 -28.19 1.16
N PRO B 280 -8.29 -28.42 0.41
CA PRO B 280 -9.31 -29.44 0.79
C PRO B 280 -8.72 -30.78 1.03
N LEU B 281 -9.16 -31.46 2.07
CA LEU B 281 -8.64 -32.76 2.37
C LEU B 281 -9.48 -33.82 1.67
N THR B 282 -9.10 -34.09 0.43
CA THR B 282 -9.90 -34.95 -0.41
C THR B 282 -9.15 -36.21 -0.88
N THR B 283 -7.96 -36.54 -0.39
CA THR B 283 -7.19 -37.58 -1.15
C THR B 283 -7.67 -39.00 -0.88
N LEU B 284 -8.36 -39.21 0.23
CA LEU B 284 -9.10 -40.45 0.42
C LEU B 284 -10.07 -40.83 -0.71
N PHE B 285 -10.59 -39.88 -1.47
CA PHE B 285 -11.64 -40.12 -2.47
C PHE B 285 -11.23 -39.90 -3.90
N LYS B 286 -9.90 -39.84 -4.11
CA LYS B 286 -9.31 -39.54 -5.42
C LYS B 286 -9.73 -40.68 -6.32
N GLY B 287 -10.38 -40.34 -7.44
CA GLY B 287 -10.78 -41.30 -8.46
C GLY B 287 -12.10 -41.99 -8.16
N GLN B 288 -12.69 -41.77 -6.97
CA GLN B 288 -13.98 -42.34 -6.61
C GLN B 288 -15.11 -41.34 -6.77
N VAL B 289 -14.77 -40.04 -6.72
CA VAL B 289 -15.75 -39.03 -6.97
C VAL B 289 -15.20 -38.08 -8.00
N ALA B 290 -16.11 -37.36 -8.64
CA ALA B 290 -15.75 -36.32 -9.56
C ALA B 290 -15.21 -35.11 -8.73
N GLU B 291 -14.15 -34.45 -9.23
CA GLU B 291 -13.49 -33.32 -8.53
C GLU B 291 -13.36 -32.20 -9.53
N GLU B 292 -13.64 -30.99 -9.11
CA GLU B 292 -13.54 -29.77 -9.94
C GLU B 292 -13.11 -28.59 -9.04
N LYS B 293 -12.22 -27.74 -9.60
CA LYS B 293 -11.63 -26.55 -8.94
C LYS B 293 -11.02 -26.90 -7.61
N GLY B 294 -10.32 -28.01 -7.55
CA GLY B 294 -9.73 -28.47 -6.32
C GLY B 294 -10.66 -29.14 -5.29
N GLY B 295 -11.97 -29.17 -5.51
CA GLY B 295 -12.89 -29.74 -4.53
C GLY B 295 -13.52 -30.99 -5.10
N ILE B 296 -14.43 -31.59 -4.31
CA ILE B 296 -15.33 -32.66 -4.74
C ILE B 296 -16.55 -31.98 -5.26
N LYS B 297 -16.93 -32.33 -6.49
CA LYS B 297 -18.00 -31.68 -7.17
C LYS B 297 -19.32 -32.12 -6.59
N THR B 298 -20.21 -31.18 -6.37
CA THR B 298 -21.51 -31.51 -5.92
C THR B 298 -22.54 -30.72 -6.63
N ASP B 299 -23.77 -31.22 -6.50
CA ASP B 299 -24.92 -30.48 -6.91
C ASP B 299 -25.35 -29.47 -5.82
N ALA B 300 -26.53 -28.89 -6.02
CA ALA B 300 -27.19 -27.94 -5.13
C ALA B 300 -27.72 -28.48 -3.82
N PHE B 301 -27.59 -29.80 -3.63
CA PHE B 301 -27.96 -30.51 -2.39
C PHE B 301 -26.78 -31.07 -1.66
N PHE B 302 -25.59 -30.75 -2.18
CA PHE B 302 -24.31 -31.26 -1.72
C PHE B 302 -24.11 -32.76 -1.92
N GLU B 303 -24.89 -33.32 -2.87
CA GLU B 303 -24.61 -34.67 -3.30
C GLU B 303 -23.56 -34.76 -4.34
N THR B 304 -22.63 -35.68 -4.12
CA THR B 304 -21.50 -35.95 -5.00
C THR B 304 -21.94 -36.85 -6.16
N SER B 305 -20.97 -37.24 -6.96
CA SER B 305 -21.08 -38.24 -8.05
C SER B 305 -21.58 -39.59 -7.64
N VAL B 306 -21.36 -39.95 -6.38
CA VAL B 306 -21.74 -41.24 -5.89
C VAL B 306 -22.98 -41.03 -5.11
N PRO B 307 -24.09 -41.68 -5.54
CA PRO B 307 -25.35 -41.58 -4.81
C PRO B 307 -25.24 -41.91 -3.30
N GLY B 308 -25.87 -41.08 -2.48
CA GLY B 308 -25.81 -41.18 -1.03
C GLY B 308 -24.51 -40.74 -0.37
N VAL B 309 -23.62 -40.07 -1.12
CA VAL B 309 -22.35 -39.56 -0.58
C VAL B 309 -22.38 -38.06 -0.79
N TYR B 310 -22.31 -37.32 0.30
CA TYR B 310 -22.43 -35.88 0.26
C TYR B 310 -21.07 -35.25 0.62
N ALA B 311 -20.86 -33.98 0.21
CA ALA B 311 -19.63 -33.25 0.64
C ALA B 311 -19.97 -31.85 0.91
N VAL B 312 -19.46 -31.36 2.03
CA VAL B 312 -19.94 -30.09 2.56
C VAL B 312 -18.67 -29.29 2.99
N GLY B 313 -18.93 -28.06 3.41
CA GLY B 313 -17.91 -27.14 3.87
C GLY B 313 -16.78 -26.97 2.90
N ASP B 314 -15.55 -27.01 3.42
CA ASP B 314 -14.38 -26.52 2.64
C ASP B 314 -14.14 -27.44 1.42
N VAL B 315 -14.57 -28.72 1.47
CA VAL B 315 -14.23 -29.64 0.37
C VAL B 315 -15.11 -29.55 -0.85
N ALA B 316 -16.30 -28.95 -0.72
CA ALA B 316 -17.32 -29.03 -1.78
C ALA B 316 -17.05 -27.98 -2.84
N THR B 317 -17.09 -28.40 -4.12
CA THR B 317 -17.21 -27.47 -5.22
C THR B 317 -18.64 -27.56 -5.77
N PHE B 318 -19.45 -26.52 -5.60
CA PHE B 318 -20.92 -26.58 -5.73
C PHE B 318 -21.42 -25.45 -6.58
N PRO B 319 -22.72 -25.47 -6.99
CA PRO B 319 -23.28 -24.43 -7.85
C PRO B 319 -23.67 -23.21 -7.07
N MET B 320 -23.19 -22.05 -7.49
CA MET B 320 -23.58 -20.85 -6.80
C MET B 320 -24.58 -20.15 -7.68
N LYS B 321 -25.85 -20.39 -7.34
CA LYS B 321 -27.01 -19.96 -8.11
C LYS B 321 -26.82 -18.53 -8.59
N MET B 322 -26.67 -17.60 -7.64
CA MET B 322 -26.74 -16.19 -7.97
C MET B 322 -25.63 -15.71 -8.90
N TYR B 323 -24.52 -16.44 -9.00
CA TYR B 323 -23.42 -16.06 -9.91
C TYR B 323 -23.14 -17.08 -11.04
N ASN B 324 -24.10 -17.95 -11.34
CA ASN B 324 -23.94 -19.00 -12.39
C ASN B 324 -22.55 -19.65 -12.59
N GLU B 325 -21.98 -20.10 -11.47
CA GLU B 325 -20.61 -20.59 -11.47
C GLU B 325 -20.59 -21.65 -10.42
N LEU B 326 -19.91 -22.76 -10.68
CA LEU B 326 -19.40 -23.62 -9.61
C LEU B 326 -18.32 -22.92 -8.76
N ARG B 327 -18.40 -23.05 -7.44
CA ARG B 327 -17.36 -22.47 -6.55
C ARG B 327 -17.09 -23.36 -5.39
N ARG B 328 -15.93 -23.14 -4.79
CA ARG B 328 -15.53 -23.74 -3.54
C ARG B 328 -15.32 -22.58 -2.54
N VAL B 329 -15.96 -22.65 -1.37
CA VAL B 329 -15.82 -21.60 -0.36
C VAL B 329 -15.18 -22.20 0.86
N GLU B 330 -14.20 -21.49 1.41
CA GLU B 330 -13.45 -22.01 2.58
C GLU B 330 -13.65 -21.12 3.80
N HIS B 331 -14.92 -20.91 4.13
CA HIS B 331 -15.34 -20.02 5.24
C HIS B 331 -16.47 -20.58 6.08
N VAL B 332 -16.62 -20.07 7.29
CA VAL B 332 -17.33 -20.79 8.40
C VAL B 332 -18.83 -20.72 8.16
N ASP B 333 -19.28 -19.61 7.58
CA ASP B 333 -20.74 -19.46 7.32
C ASP B 333 -21.26 -20.56 6.37
N HIS B 334 -20.51 -20.76 5.29
CA HIS B 334 -20.80 -21.79 4.31
C HIS B 334 -20.74 -23.19 4.89
N ALA B 335 -19.77 -23.45 5.75
CA ALA B 335 -19.65 -24.75 6.40
C ALA B 335 -20.94 -25.06 7.17
N ARG B 336 -21.49 -24.05 7.85
CA ARG B 336 -22.67 -24.21 8.73
C ARG B 336 -23.88 -24.48 7.84
N LYS B 337 -24.05 -23.64 6.82
CA LYS B 337 -25.23 -23.68 5.96
C LYS B 337 -25.20 -24.87 5.03
N SER B 338 -24.01 -25.23 4.49
CA SER B 338 -23.94 -26.35 3.54
C SER B 338 -24.22 -27.67 4.32
N ALA B 339 -23.74 -27.77 5.57
CA ALA B 339 -24.02 -28.91 6.39
C ALA B 339 -25.54 -29.13 6.61
N GLU B 340 -26.21 -28.04 6.98
CA GLU B 340 -27.69 -27.96 7.12
C GLU B 340 -28.40 -28.38 5.85
N GLN B 341 -27.95 -27.87 4.71
CA GLN B 341 -28.54 -28.19 3.41
C GLN B 341 -28.49 -29.68 3.11
N ALA B 342 -27.32 -30.30 3.34
CA ALA B 342 -27.07 -31.70 3.06
C ALA B 342 -28.00 -32.54 3.90
N VAL B 343 -28.11 -32.21 5.16
CA VAL B 343 -28.97 -32.98 6.05
C VAL B 343 -30.42 -32.88 5.58
N LYS B 344 -30.84 -31.69 5.23
CA LYS B 344 -32.20 -31.51 4.75
C LYS B 344 -32.42 -32.31 3.50
N ALA B 345 -31.47 -32.28 2.59
CA ALA B 345 -31.64 -33.06 1.35
C ALA B 345 -31.74 -34.55 1.64
N ILE B 346 -30.84 -35.08 2.48
CA ILE B 346 -30.89 -36.51 2.88
C ILE B 346 -32.28 -36.92 3.40
N LYS B 347 -32.79 -36.18 4.38
CA LYS B 347 -34.09 -36.51 4.95
C LYS B 347 -35.22 -36.26 3.98
N GLY B 348 -35.08 -35.23 3.19
CA GLY B 348 -36.10 -34.87 2.23
C GLY B 348 -36.28 -36.07 1.38
N LYS B 349 -35.17 -36.56 0.87
CA LYS B 349 -35.12 -37.75 0.02
C LYS B 349 -35.76 -39.02 0.61
N GLU B 350 -35.86 -39.10 1.93
CA GLU B 350 -36.35 -40.32 2.60
C GLU B 350 -37.76 -40.94 2.48
N SER B 351 -38.94 -40.40 2.80
CA SER B 351 -39.55 -39.07 2.76
C SER B 351 -40.15 -38.55 1.41
N GLY B 352 -39.41 -38.60 0.29
CA GLY B 352 -39.91 -38.12 -1.04
C GLY B 352 -40.16 -36.62 -1.28
N GLU B 353 -39.67 -35.78 -0.38
CA GLU B 353 -39.83 -34.34 -0.49
C GLU B 353 -38.69 -33.73 -1.27
N SER B 354 -38.92 -32.56 -1.82
CA SER B 354 -37.85 -31.78 -2.48
C SER B 354 -37.47 -30.68 -1.52
N VAL B 355 -36.23 -30.25 -1.62
CA VAL B 355 -35.68 -29.22 -0.75
C VAL B 355 -35.27 -28.14 -1.71
N VAL B 356 -35.34 -26.90 -1.33
CA VAL B 356 -34.93 -25.84 -2.24
C VAL B 356 -33.41 -25.89 -2.49
N GLU B 357 -33.04 -25.51 -3.71
CA GLU B 357 -31.63 -25.55 -4.13
C GLU B 357 -30.84 -24.57 -3.24
N TYR B 358 -29.58 -24.86 -3.01
CA TYR B 358 -28.77 -24.05 -2.07
C TYR B 358 -28.61 -22.66 -2.70
N ASP B 359 -28.92 -21.60 -1.98
CA ASP B 359 -28.81 -20.28 -2.58
C ASP B 359 -27.93 -19.43 -1.66
N TYR B 360 -26.63 -19.46 -1.90
CA TYR B 360 -25.66 -18.95 -0.92
C TYR B 360 -25.31 -17.52 -1.24
N LEU B 361 -25.42 -16.63 -0.27
CA LEU B 361 -24.87 -15.29 -0.34
C LEU B 361 -23.48 -15.36 0.37
N PRO B 362 -22.38 -15.18 -0.37
CA PRO B 362 -21.05 -15.15 0.32
C PRO B 362 -20.98 -14.12 1.40
N TYR B 363 -20.52 -14.57 2.56
CA TYR B 363 -20.39 -13.75 3.73
C TYR B 363 -19.01 -14.06 4.31
N PHE B 364 -18.13 -13.05 4.27
CA PHE B 364 -16.81 -13.13 4.86
C PHE B 364 -16.70 -12.09 5.95
N PHE B 365 -15.82 -12.32 6.91
CA PHE B 365 -15.69 -11.42 8.04
C PHE B 365 -14.38 -11.71 8.76
N SER B 366 -13.87 -10.72 9.47
CA SER B 366 -12.74 -10.84 10.38
C SER B 366 -12.80 -9.77 11.40
N ARG B 367 -12.16 -10.04 12.50
CA ARG B 367 -11.96 -9.06 13.51
C ARG B 367 -10.61 -9.23 14.18
N SER B 368 -9.99 -8.11 14.56
CA SER B 368 -8.82 -8.05 15.41
C SER B 368 -8.67 -6.69 16.00
N PHE B 369 -7.85 -6.63 17.05
CA PHE B 369 -7.73 -5.40 17.82
C PHE B 369 -9.14 -4.92 18.18
N ASP B 370 -9.50 -3.66 17.95
CA ASP B 370 -10.94 -3.19 18.13
C ASP B 370 -11.74 -3.09 16.85
N LEU B 371 -11.28 -3.69 15.76
CA LEU B 371 -11.92 -3.62 14.48
C LEU B 371 -12.77 -4.82 14.24
N GLY B 372 -13.71 -4.72 13.31
CA GLY B 372 -14.40 -5.88 12.80
C GLY B 372 -15.10 -5.46 11.53
N TRP B 373 -14.95 -6.25 10.47
CA TRP B 373 -15.62 -5.99 9.20
C TRP B 373 -16.42 -7.18 8.72
N GLN B 374 -17.35 -6.91 7.81
CA GLN B 374 -18.12 -7.91 7.10
C GLN B 374 -18.20 -7.51 5.65
N PHE B 375 -18.27 -8.53 4.83
CA PHE B 375 -18.36 -8.40 3.38
C PHE B 375 -19.40 -9.40 2.92
N TYR B 376 -20.25 -8.97 1.99
CA TYR B 376 -21.24 -9.80 1.36
C TYR B 376 -21.21 -9.63 -0.15
N GLY B 377 -21.31 -10.75 -0.83
CA GLY B 377 -21.65 -10.79 -2.26
C GLY B 377 -20.45 -11.17 -3.05
N ASP B 378 -20.15 -10.41 -4.10
CA ASP B 378 -19.08 -10.81 -5.01
C ASP B 378 -18.21 -9.61 -5.32
N ASN B 379 -16.92 -9.82 -5.28
CA ASN B 379 -15.97 -8.73 -5.40
C ASN B 379 -15.49 -8.66 -6.83
N VAL B 380 -16.37 -8.12 -7.66
CA VAL B 380 -16.11 -7.93 -9.09
C VAL B 380 -16.51 -6.55 -9.50
N GLY B 381 -15.88 -6.09 -10.56
CA GLY B 381 -16.20 -4.81 -11.10
C GLY B 381 -15.35 -3.75 -10.51
N ASP B 382 -15.93 -2.57 -10.40
CA ASP B 382 -15.21 -1.40 -9.98
C ASP B 382 -15.69 -0.92 -8.60
N THR B 383 -14.77 -0.37 -7.82
CA THR B 383 -15.03 -0.17 -6.39
C THR B 383 -15.04 1.28 -5.99
N ILE B 384 -15.97 1.63 -5.11
CA ILE B 384 -15.95 2.91 -4.48
C ILE B 384 -15.95 2.75 -2.97
N LEU B 385 -15.17 3.60 -2.31
CA LEU B 385 -15.04 3.63 -0.86
C LEU B 385 -15.80 4.79 -0.21
N PHE B 386 -16.63 4.50 0.81
CA PHE B 386 -17.45 5.51 1.55
C PHE B 386 -17.13 5.56 3.07
N GLY B 387 -17.45 6.66 3.78
CA GLY B 387 -17.19 6.82 5.21
C GLY B 387 -15.83 7.30 5.69
N ASP B 388 -15.49 7.00 6.94
CA ASP B 388 -14.23 7.38 7.57
C ASP B 388 -13.48 6.13 8.14
N SER B 389 -12.41 5.50 7.64
CA SER B 389 -11.46 5.72 6.58
C SER B 389 -10.15 6.14 7.24
N ASP B 390 -10.26 6.96 8.28
CA ASP B 390 -9.08 7.43 9.03
C ASP B 390 -8.76 6.47 10.15
N PRO B 391 -7.63 5.76 10.05
CA PRO B 391 -7.26 4.80 11.10
C PRO B 391 -6.99 5.35 12.48
N THR B 392 -6.83 6.66 12.59
CA THR B 392 -6.71 7.28 13.92
C THR B 392 -8.06 7.75 14.48
N SER B 393 -9.17 7.63 13.74
CA SER B 393 -10.55 7.81 14.30
C SER B 393 -10.93 6.93 15.47
N ALA B 394 -11.69 7.47 16.43
CA ALA B 394 -12.05 6.74 17.65
C ALA B 394 -12.81 5.48 17.32
N LYS B 395 -13.84 5.58 16.48
CA LYS B 395 -14.54 4.39 16.02
C LYS B 395 -14.65 4.40 14.50
N PRO B 396 -13.61 3.87 13.82
CA PRO B 396 -13.65 3.89 12.37
C PRO B 396 -14.86 3.16 11.84
N LYS B 397 -15.54 3.76 10.89
CA LYS B 397 -16.61 3.13 10.24
C LYS B 397 -16.59 3.56 8.78
N PHE B 398 -16.47 2.59 7.88
CA PHE B 398 -16.34 2.85 6.41
C PHE B 398 -16.66 1.59 5.67
N GLY B 399 -17.06 1.72 4.42
CA GLY B 399 -17.31 0.63 3.59
C GLY B 399 -16.89 0.84 2.17
N SER B 400 -17.30 -0.11 1.33
CA SER B 400 -17.02 -0.07 -0.06
C SER B 400 -18.05 -0.88 -0.81
N TYR B 401 -18.35 -0.46 -2.04
CA TYR B 401 -19.27 -1.19 -2.91
C TYR B 401 -18.53 -1.60 -4.19
N TRP B 402 -18.86 -2.78 -4.70
CA TRP B 402 -18.34 -3.29 -5.93
C TRP B 402 -19.46 -3.22 -6.92
N ILE B 403 -19.17 -2.67 -8.10
CA ILE B 403 -20.18 -2.38 -9.11
C ILE B 403 -19.78 -3.03 -10.45
N LYS B 404 -20.66 -3.89 -10.98
CA LYS B 404 -20.55 -4.48 -12.32
C LYS B 404 -21.85 -4.19 -13.11
N ASP B 405 -21.72 -3.72 -14.35
CA ASP B 405 -22.89 -3.58 -15.22
C ASP B 405 -24.04 -2.81 -14.58
N GLY B 406 -23.75 -1.65 -14.00
CA GLY B 406 -24.81 -0.85 -13.35
C GLY B 406 -25.55 -1.48 -12.16
N LYS B 407 -24.97 -2.47 -11.49
CA LYS B 407 -25.57 -3.04 -10.26
C LYS B 407 -24.52 -3.14 -9.13
N VAL B 408 -24.94 -3.08 -7.86
CA VAL B 408 -24.01 -3.31 -6.72
C VAL B 408 -23.99 -4.84 -6.54
N LEU B 409 -22.83 -5.45 -6.75
CA LEU B 409 -22.65 -6.89 -6.58
C LEU B 409 -21.97 -7.28 -5.21
N GLY B 410 -21.35 -6.32 -4.56
CA GLY B 410 -20.49 -6.57 -3.39
C GLY B 410 -20.52 -5.41 -2.47
N ALA B 411 -20.47 -5.67 -1.16
CA ALA B 411 -20.47 -4.62 -0.18
C ALA B 411 -19.64 -5.03 1.05
N PHE B 412 -18.88 -4.12 1.54
CA PHE B 412 -17.95 -4.30 2.65
C PHE B 412 -18.27 -3.25 3.65
N LEU B 413 -18.20 -3.56 4.95
CA LEU B 413 -18.31 -2.51 5.95
C LEU B 413 -17.49 -2.86 7.18
N GLU B 414 -16.69 -1.91 7.59
CA GLU B 414 -15.96 -1.99 8.85
C GLU B 414 -16.71 -1.15 9.86
N GLY B 415 -16.91 -1.67 11.06
CA GLY B 415 -17.44 -0.85 12.14
C GLY B 415 -18.95 -0.70 12.17
N GLY B 416 -19.68 -1.59 11.50
CA GLY B 416 -21.12 -1.48 11.35
C GLY B 416 -21.87 -2.06 12.55
N SER B 417 -23.08 -1.56 12.79
CA SER B 417 -23.99 -2.11 13.82
C SER B 417 -24.65 -3.30 13.18
N PRO B 418 -25.38 -4.14 13.97
CA PRO B 418 -26.09 -5.18 13.28
C PRO B 418 -27.04 -4.75 12.18
N ASP B 419 -27.80 -3.67 12.39
CA ASP B 419 -28.69 -3.24 11.31
C ASP B 419 -27.91 -2.78 10.09
N GLU B 420 -26.78 -2.11 10.32
CA GLU B 420 -25.97 -1.65 9.15
C GLU B 420 -25.44 -2.82 8.36
N ASN B 421 -24.99 -3.88 9.08
CA ASN B 421 -24.53 -5.10 8.45
C ASN B 421 -25.64 -5.81 7.72
N LYS B 422 -26.81 -5.84 8.32
CA LYS B 422 -27.96 -6.38 7.63
C LYS B 422 -28.30 -5.64 6.29
N ALA B 423 -28.23 -4.34 6.34
CA ALA B 423 -28.54 -3.46 5.18
C ALA B 423 -27.53 -3.72 4.06
N ILE B 424 -26.23 -3.84 4.38
CA ILE B 424 -25.25 -4.15 3.29
C ILE B 424 -25.42 -5.53 2.70
N ALA B 425 -25.77 -6.51 3.54
CA ALA B 425 -26.08 -7.85 3.04
C ALA B 425 -27.28 -7.79 2.08
N LYS B 426 -28.31 -7.02 2.46
CA LYS B 426 -29.51 -6.85 1.62
C LYS B 426 -29.14 -6.26 0.24
N VAL B 427 -28.22 -5.30 0.23
CA VAL B 427 -27.74 -4.71 -1.02
C VAL B 427 -27.07 -5.74 -1.87
N ALA B 428 -26.14 -6.51 -1.27
CA ALA B 428 -25.49 -7.61 -1.99
C ALA B 428 -26.42 -8.72 -2.44
N LYS B 429 -27.48 -8.98 -1.69
CA LYS B 429 -28.43 -10.03 -2.13
C LYS B 429 -29.34 -9.53 -3.29
N THR B 430 -29.83 -8.31 -3.20
CA THR B 430 -30.78 -7.82 -4.22
C THR B 430 -30.11 -7.15 -5.44
N GLN B 431 -28.88 -6.69 -5.29
CA GLN B 431 -28.08 -6.18 -6.39
C GLN B 431 -28.74 -4.97 -7.08
N PRO B 432 -28.98 -3.90 -6.32
CA PRO B 432 -29.69 -2.78 -6.86
C PRO B 432 -28.86 -1.91 -7.83
N PRO B 433 -29.53 -1.19 -8.75
CA PRO B 433 -28.82 -0.22 -9.56
C PRO B 433 -28.91 1.17 -8.95
N GLU B 438 -25.18 7.01 -9.10
CA GLU B 438 -23.75 7.24 -8.95
C GLU B 438 -23.46 8.57 -8.19
N GLU B 439 -22.30 8.63 -7.53
CA GLU B 439 -22.08 9.46 -6.34
C GLU B 439 -22.85 8.84 -5.16
N LEU B 440 -22.74 7.51 -5.03
CA LEU B 440 -23.22 6.80 -3.85
C LEU B 440 -22.68 7.53 -2.63
N LYS B 441 -21.34 7.53 -2.58
CA LYS B 441 -20.52 8.41 -1.74
C LYS B 441 -20.82 9.87 -2.03
N GLY B 444 -23.77 7.28 0.84
CA GLY B 444 -22.69 6.40 1.34
C GLY B 444 -23.25 5.14 1.97
N LEU B 445 -23.27 5.09 3.29
CA LEU B 445 -23.92 3.98 4.02
C LEU B 445 -25.43 4.01 3.88
N GLN B 446 -25.97 5.23 3.89
CA GLN B 446 -27.38 5.52 3.62
C GLN B 446 -27.97 4.84 2.43
N PHE B 447 -27.16 4.68 1.40
CA PHE B 447 -27.61 3.93 0.27
C PHE B 447 -28.20 2.59 0.71
N ALA B 448 -27.54 1.90 1.68
CA ALA B 448 -27.92 0.51 2.08
C ALA B 448 -29.31 0.38 2.79
N SER B 449 -29.61 1.30 3.68
CA SER B 449 -30.98 1.55 4.17
C SER B 449 -32.18 1.66 3.18
N LYS B 450 -31.97 1.61 1.85
CA LYS B 450 -33.07 1.52 0.85
C LYS B 450 -33.84 0.26 1.09
#